data_1NO3
#
_entry.id   1NO3
#
_cell.length_a   112.905
_cell.length_b   137.531
_cell.length_c   61.880
_cell.angle_alpha   90.00
_cell.angle_beta   95.48
_cell.angle_gamma   90.00
#
_symmetry.space_group_name_H-M   'C 1 2 1'
#
loop_
_entity.id
_entity.type
_entity.pdbx_description
1 polymer Lipoxygenase-3
2 non-polymer 'FE (III) ION'
3 non-polymer 4-NITROCATECHOL
4 water water
#
_entity_poly.entity_id   1
_entity_poly.type   'polypeptide(L)'
_entity_poly.pdbx_seq_one_letter_code
;MLGGLLHRGHKIKGTVVLMRKNVLDVNSVTSVGGIIGQGLDLVGSTLDTLTAFLGRSVSLQLISATKADANGKGKLGKAT
FLEGIITSLPTLGAGQSAFKINFEWDDGSGIPGAFYIKNFMQTEFFLVSLTLEDIPNHGSIHFVCNSWIYNAKLFKSDRI
FFANQTYLPSETPAPLVKYREEELHNLRGDGTGERKEWERIYDYDVYNDLGDPDKGENHARPVLGGNDTFPYPRRGRTGR
KPTRKDPNSESRSNDVYLPRDEAFGHLKSSDFLTYGLKSVSQNVLPLLQSAFDLNFTPREFDSFDEVHGLYSGGIKLPTD
IISKISPLPVLKEIFRTDGEQALKFPPPKVIQVSKSAWMTDEEFAREMLAGVNPNLIRCLKDFPPRSKLDSQVYGDHTSQ
ITKEHLEPNLEGLTVDEAIQNKRLFLLDHHDPIMPYLRRINATSTKAYATRTILFLKNDGTLRPLAIELSLPHPQGDQSG
AFSQVFLPADEGVESSIWLLAKAYVVVNDSCYHQLVSHWLNTHAVVEPFIIATNRHLSVVHPIYKLLHPHYRDTMNINGL
ARLSLVNDGGVIEQTFLWGRYSVEMSAVVYKDWVFTDQALPADLIKRGMAIEDPSCPHGIRLVIEDYPYTVDGLEIWDAI
KTWVHEYVFLYYKSDDTLREDPELQACWKELVEVGHGDKKNEPWWPKMQTREELVEACAIIIWTASALHAAVNFGQYPYG
GLILNRPTLSRRFMPEKGSAEYEELRKNPQKAYLKTITPKFQTLIDLSVIEILSRHASDEVYLGERDNPNWTSDTRALEA
FKRFGNKLAQIENKLSERNNDEKLRNRCGPVQMPYTLLLPSSKEGLTFRGIPNSISI
;
_entity_poly.pdbx_strand_id   A
#
loop_
_chem_comp.id
_chem_comp.type
_chem_comp.name
_chem_comp.formula
4NC non-polymer 4-NITROCATECHOL 'C6 H5 N O4'
FE non-polymer 'FE (III) ION' 'Fe 3'
#
# COMPACT_ATOMS: atom_id res chain seq x y z
N HIS A 7 -25.68 -41.27 27.56
CA HIS A 7 -26.46 -41.72 26.35
C HIS A 7 -25.68 -42.61 25.31
N ARG A 8 -24.61 -42.09 24.69
CA ARG A 8 -23.64 -42.90 23.91
C ARG A 8 -22.26 -42.20 23.74
N GLY A 9 -21.18 -42.93 24.03
CA GLY A 9 -19.83 -42.51 23.69
C GLY A 9 -19.63 -42.60 22.17
N HIS A 10 -19.33 -41.47 21.55
CA HIS A 10 -19.47 -41.29 20.10
C HIS A 10 -18.13 -41.05 19.39
N LYS A 11 -18.11 -41.15 18.05
CA LYS A 11 -16.96 -40.69 17.27
C LYS A 11 -17.33 -39.46 16.45
N ILE A 12 -16.63 -38.35 16.64
CA ILE A 12 -16.79 -37.11 15.86
C ILE A 12 -15.98 -37.24 14.58
N LYS A 13 -16.65 -37.03 13.45
CA LYS A 13 -15.98 -37.12 12.17
C LYS A 13 -15.39 -35.75 11.81
N GLY A 14 -14.07 -35.70 11.66
CA GLY A 14 -13.38 -34.50 11.20
C GLY A 14 -12.89 -34.55 9.76
N THR A 15 -12.95 -33.43 9.03
CA THR A 15 -12.10 -33.34 7.83
C THR A 15 -11.18 -32.13 7.86
N VAL A 16 -9.91 -32.40 7.60
CA VAL A 16 -8.84 -31.40 7.70
C VAL A 16 -8.50 -31.02 6.27
N VAL A 17 -8.45 -29.73 5.97
CA VAL A 17 -7.95 -29.35 4.66
C VAL A 17 -6.56 -28.73 4.85
N LEU A 18 -5.57 -29.19 4.10
CA LEU A 18 -4.28 -28.51 4.15
C LEU A 18 -3.66 -28.29 2.78
N MET A 19 -2.58 -27.52 2.71
CA MET A 19 -1.88 -27.30 1.47
C MET A 19 -0.40 -27.59 1.71
N ARG A 20 0.18 -28.43 0.86
CA ARG A 20 1.60 -28.76 0.93
C ARG A 20 2.48 -27.62 0.53
N LYS A 21 3.65 -27.54 1.18
CA LYS A 21 4.59 -26.44 0.95
C LYS A 21 4.94 -26.22 -0.52
N ASN A 22 5.23 -27.32 -1.22
CA ASN A 22 5.57 -27.38 -2.64
C ASN A 22 4.61 -26.62 -3.56
N VAL A 23 3.38 -26.48 -3.12
CA VAL A 23 2.29 -25.94 -3.90
C VAL A 23 2.23 -24.42 -3.70
N LEU A 24 2.83 -23.95 -2.62
CA LEU A 24 2.76 -22.55 -2.23
C LEU A 24 4.12 -21.84 -2.32
N ASP A 25 5.19 -22.60 -2.48
CA ASP A 25 6.56 -22.07 -2.35
C ASP A 25 7.11 -21.60 -3.65
N VAL A 26 7.64 -20.38 -3.65
CA VAL A 26 8.21 -19.73 -4.83
C VAL A 26 9.26 -20.58 -5.54
N ASN A 27 10.12 -21.27 -4.77
CA ASN A 27 11.25 -21.99 -5.34
C ASN A 27 10.78 -23.22 -6.09
N SER A 28 9.70 -23.83 -5.64
CA SER A 28 9.28 -25.03 -6.35
C SER A 28 8.22 -24.72 -7.40
N VAL A 29 7.39 -23.69 -7.12
CA VAL A 29 6.32 -23.34 -8.06
C VAL A 29 6.81 -22.76 -9.41
N THR A 30 8.09 -22.40 -9.51
CA THR A 30 8.65 -21.85 -10.75
C THR A 30 8.78 -22.77 -12.00
N SER A 31 7.74 -23.57 -12.26
CA SER A 31 7.50 -24.20 -13.56
C SER A 31 6.02 -24.02 -14.02
N VAL A 32 5.18 -23.46 -13.13
CA VAL A 32 3.72 -23.33 -13.36
C VAL A 32 3.16 -21.94 -13.00
N GLY A 33 2.78 -21.15 -14.00
CA GLY A 33 2.34 -19.77 -13.76
C GLY A 33 1.40 -19.10 -14.76
N GLY A 34 0.86 -19.89 -15.70
CA GLY A 34 0.00 -19.38 -16.77
C GLY A 34 -1.50 -19.67 -16.65
N ILE A 35 -1.81 -20.86 -16.11
CA ILE A 35 -3.18 -21.20 -15.70
C ILE A 35 -3.15 -21.74 -14.26
N ILE A 36 -3.90 -21.10 -13.36
CA ILE A 36 -4.12 -21.61 -12.00
C ILE A 36 -5.54 -21.32 -11.54
N GLY A 37 -6.01 -22.21 -10.67
CA GLY A 37 -7.37 -22.27 -10.19
C GLY A 37 -7.68 -23.65 -10.70
N GLN A 38 -6.86 -24.10 -11.66
CA GLN A 38 -7.16 -25.29 -12.44
C GLN A 38 -6.11 -26.40 -12.30
N GLY A 39 -6.25 -27.40 -13.16
CA GLY A 39 -5.70 -28.74 -12.99
C GLY A 39 -6.87 -29.48 -12.35
N LEU A 40 -6.77 -30.79 -12.17
CA LEU A 40 -7.83 -31.51 -11.44
C LEU A 40 -7.84 -31.03 -9.99
N ASP A 41 -8.45 -29.84 -9.78
CA ASP A 41 -8.16 -28.91 -8.67
C ASP A 41 -7.49 -29.57 -7.56
N LEU A 42 -6.15 -29.54 -7.63
CA LEU A 42 -5.23 -30.53 -7.03
C LEU A 42 -5.94 -31.21 -5.90
N VAL A 43 -6.59 -32.32 -6.24
CA VAL A 43 -7.48 -33.02 -5.35
C VAL A 43 -6.70 -33.81 -4.30
N GLY A 44 -5.49 -33.31 -3.99
CA GLY A 44 -4.52 -33.93 -3.12
C GLY A 44 -4.08 -35.33 -3.53
N SER A 45 -5.07 -36.23 -3.57
CA SER A 45 -4.94 -37.68 -3.57
C SER A 45 -3.90 -38.25 -4.51
N THR A 46 -4.03 -37.83 -5.76
CA THR A 46 -3.22 -38.27 -6.86
C THR A 46 -1.79 -37.76 -6.68
N LEU A 47 -0.82 -38.65 -6.95
CA LEU A 47 0.61 -38.43 -6.68
C LEU A 47 0.76 -38.48 -5.16
N ASP A 48 1.10 -39.67 -4.66
CA ASP A 48 1.16 -39.90 -3.23
C ASP A 48 2.42 -39.36 -2.56
N THR A 49 2.43 -38.05 -2.32
CA THR A 49 3.20 -37.58 -1.19
C THR A 49 2.29 -37.81 -0.01
N LEU A 50 0.98 -37.79 -0.26
CA LEU A 50 -0.05 -37.66 0.78
C LEU A 50 -0.07 -38.80 1.81
N THR A 51 0.60 -39.89 1.46
CA THR A 51 0.84 -41.03 2.32
C THR A 51 1.72 -40.66 3.51
N ALA A 52 2.68 -39.77 3.30
CA ALA A 52 3.60 -39.34 4.36
C ALA A 52 2.92 -38.66 5.55
N PHE A 53 1.71 -38.14 5.31
CA PHE A 53 0.92 -37.46 6.34
C PHE A 53 0.16 -38.46 7.23
N LEU A 54 0.13 -39.72 6.81
CA LEU A 54 -0.81 -40.69 7.31
C LEU A 54 -0.29 -41.71 8.32
N GLY A 55 0.76 -41.45 9.08
CA GLY A 55 1.13 -42.53 10.00
C GLY A 55 1.07 -41.99 11.42
N ARG A 56 2.24 -41.81 12.02
CA ARG A 56 2.29 -41.01 13.22
C ARG A 56 2.96 -39.65 12.92
N SER A 57 2.36 -38.94 11.97
CA SER A 57 2.93 -37.72 11.43
C SER A 57 2.28 -36.46 11.96
N VAL A 58 0.96 -36.44 12.04
CA VAL A 58 0.25 -35.21 12.40
C VAL A 58 -0.85 -35.53 13.41
N SER A 59 -0.80 -34.89 14.58
CA SER A 59 -1.81 -35.16 15.58
C SER A 59 -2.64 -33.92 15.93
N LEU A 60 -3.93 -34.15 16.15
CA LEU A 60 -4.89 -33.11 16.50
C LEU A 60 -5.50 -33.48 17.85
N GLN A 61 -5.74 -32.47 18.67
CA GLN A 61 -6.30 -32.75 19.99
C GLN A 61 -7.33 -31.73 20.33
N LEU A 62 -8.56 -32.20 20.47
CA LEU A 62 -9.74 -31.36 20.65
C LEU A 62 -9.82 -30.80 22.10
N ILE A 63 -10.39 -29.59 22.22
CA ILE A 63 -10.45 -28.86 23.48
C ILE A 63 -11.89 -28.41 23.68
N SER A 64 -12.48 -28.83 24.80
CA SER A 64 -13.88 -28.52 25.11
C SER A 64 -14.13 -27.10 25.49
N ALA A 65 -15.25 -26.59 25.02
CA ALA A 65 -15.65 -25.22 25.27
C ALA A 65 -16.58 -25.15 26.48
N THR A 66 -17.18 -26.27 26.89
CA THR A 66 -18.22 -26.22 27.92
C THR A 66 -17.87 -26.97 29.19
N LYS A 67 -16.87 -27.84 29.10
CA LYS A 67 -16.49 -28.67 30.22
C LYS A 67 -15.05 -28.39 30.65
N ALA A 68 -14.85 -28.18 31.95
CA ALA A 68 -13.58 -27.75 32.50
C ALA A 68 -12.95 -28.75 33.45
N ASP A 69 -11.63 -28.68 33.56
CA ASP A 69 -10.90 -29.48 34.54
C ASP A 69 -10.88 -28.77 35.91
N ALA A 70 -10.00 -29.26 36.80
CA ALA A 70 -9.87 -28.73 38.16
C ALA A 70 -9.52 -27.23 38.25
N ASN A 71 -8.57 -26.77 37.44
CA ASN A 71 -8.24 -25.33 37.46
C ASN A 71 -8.93 -24.46 36.43
N GLY A 72 -10.00 -24.98 35.84
CA GLY A 72 -10.89 -24.16 35.05
C GLY A 72 -10.66 -24.13 33.54
N LYS A 73 -9.69 -24.88 33.02
CA LYS A 73 -9.40 -24.89 31.58
C LYS A 73 -10.16 -26.02 30.91
N GLY A 74 -10.58 -25.80 29.66
CA GLY A 74 -11.24 -26.86 28.90
C GLY A 74 -10.51 -28.17 28.76
N LYS A 75 -11.26 -29.25 28.97
CA LYS A 75 -10.79 -30.63 28.86
C LYS A 75 -10.19 -31.02 27.51
N LEU A 76 -9.02 -31.66 27.54
CA LEU A 76 -8.35 -32.20 26.36
C LEU A 76 -8.86 -33.59 26.03
N GLY A 77 -9.06 -33.85 24.73
CA GLY A 77 -9.39 -35.19 24.27
C GLY A 77 -8.10 -35.93 24.02
N LYS A 78 -8.18 -37.08 23.37
CA LYS A 78 -6.96 -37.85 23.10
C LYS A 78 -6.33 -37.35 21.81
N ALA A 79 -5.00 -37.28 21.78
CA ALA A 79 -4.27 -36.87 20.59
C ALA A 79 -4.51 -37.90 19.52
N THR A 80 -5.04 -37.44 18.39
CA THR A 80 -5.53 -38.31 17.35
C THR A 80 -4.77 -38.06 16.09
N PHE A 81 -4.30 -39.12 15.44
CA PHE A 81 -3.52 -38.94 14.23
C PHE A 81 -4.40 -38.97 12.98
N LEU A 82 -3.95 -38.28 11.94
CA LEU A 82 -4.58 -38.32 10.61
C LEU A 82 -4.65 -39.77 10.11
N GLU A 83 -5.79 -40.16 9.56
CA GLU A 83 -5.96 -41.58 9.33
C GLU A 83 -6.40 -42.02 7.94
N GLY A 84 -6.91 -41.10 7.11
CA GLY A 84 -7.26 -41.47 5.74
C GLY A 84 -7.27 -40.29 4.80
N ILE A 85 -7.01 -40.52 3.51
CA ILE A 85 -7.05 -39.46 2.50
C ILE A 85 -8.44 -39.36 1.89
N ILE A 86 -8.96 -38.14 1.78
CA ILE A 86 -10.22 -37.92 1.11
C ILE A 86 -9.91 -37.45 -0.30
N THR A 87 -10.31 -38.26 -1.29
CA THR A 87 -10.04 -38.02 -2.72
C THR A 87 -10.61 -36.75 -3.30
N SER A 88 -11.78 -36.37 -2.81
CA SER A 88 -12.60 -35.43 -3.53
C SER A 88 -13.61 -34.89 -2.55
N LEU A 89 -13.92 -33.61 -2.67
CA LEU A 89 -14.99 -33.00 -1.93
C LEU A 89 -15.60 -32.01 -2.92
N PRO A 90 -16.91 -31.71 -2.82
CA PRO A 90 -17.52 -30.67 -3.68
C PRO A 90 -16.81 -29.33 -3.63
N THR A 91 -16.16 -29.06 -2.52
CA THR A 91 -15.68 -27.74 -2.23
C THR A 91 -14.14 -27.69 -2.15
N LEU A 92 -13.48 -28.77 -2.54
CA LEU A 92 -12.02 -28.87 -2.54
C LEU A 92 -11.40 -28.03 -3.67
N GLY A 93 -10.47 -27.15 -3.31
CA GLY A 93 -9.86 -26.27 -4.28
C GLY A 93 -8.50 -26.71 -4.79
N ALA A 94 -7.97 -25.93 -5.73
CA ALA A 94 -6.67 -26.17 -6.34
C ALA A 94 -5.59 -26.08 -5.28
N GLY A 95 -4.70 -27.07 -5.28
CA GLY A 95 -3.61 -27.08 -4.33
C GLY A 95 -3.93 -27.72 -3.01
N GLN A 96 -5.20 -28.00 -2.74
CA GLN A 96 -5.60 -28.44 -1.40
C GLN A 96 -5.67 -29.95 -1.24
N SER A 97 -5.35 -30.45 -0.06
CA SER A 97 -5.41 -31.88 0.16
C SER A 97 -6.29 -32.12 1.39
N ALA A 98 -7.11 -33.16 1.36
CA ALA A 98 -8.07 -33.39 2.45
C ALA A 98 -7.80 -34.73 3.13
N PHE A 99 -8.04 -34.77 4.44
CA PHE A 99 -7.78 -35.93 5.28
C PHE A 99 -8.92 -36.16 6.26
N LYS A 100 -9.31 -37.42 6.47
CA LYS A 100 -10.35 -37.69 7.47
C LYS A 100 -9.66 -38.05 8.77
N ILE A 101 -10.29 -37.71 9.88
CA ILE A 101 -9.80 -38.08 11.18
C ILE A 101 -11.03 -38.25 12.07
N ASN A 102 -11.07 -39.32 12.86
CA ASN A 102 -12.18 -39.53 13.77
C ASN A 102 -11.76 -39.43 15.22
N PHE A 103 -12.46 -38.60 15.98
CA PHE A 103 -12.08 -38.27 17.34
C PHE A 103 -12.99 -39.00 18.30
N GLU A 104 -12.42 -39.70 19.28
CA GLU A 104 -13.26 -40.28 20.32
C GLU A 104 -13.71 -39.18 21.29
N TRP A 105 -15.01 -39.07 21.49
CA TRP A 105 -15.54 -38.02 22.34
C TRP A 105 -16.76 -38.59 23.05
N ASP A 106 -17.24 -37.94 24.09
CA ASP A 106 -18.51 -38.37 24.68
C ASP A 106 -19.33 -37.21 25.19
N ASP A 107 -20.59 -37.53 25.45
CA ASP A 107 -21.44 -36.69 26.26
C ASP A 107 -20.89 -36.77 27.67
N GLY A 108 -20.44 -35.62 28.16
CA GLY A 108 -19.74 -35.52 29.44
C GLY A 108 -18.56 -34.62 29.18
N SER A 109 -18.20 -34.52 27.91
CA SER A 109 -17.08 -33.71 27.48
C SER A 109 -17.56 -32.52 26.67
N GLY A 110 -18.85 -32.48 26.39
CA GLY A 110 -19.44 -31.32 25.77
C GLY A 110 -19.06 -31.04 24.34
N ILE A 111 -19.07 -29.76 24.03
CA ILE A 111 -18.86 -29.21 22.70
C ILE A 111 -17.42 -28.72 22.50
N PRO A 112 -16.74 -29.18 21.45
CA PRO A 112 -15.39 -28.70 21.16
C PRO A 112 -15.43 -27.23 20.72
N GLY A 113 -14.43 -26.44 21.12
CA GLY A 113 -14.37 -25.02 20.78
C GLY A 113 -12.99 -24.59 20.31
N ALA A 114 -12.04 -25.52 20.43
CA ALA A 114 -10.67 -25.32 19.99
C ALA A 114 -9.97 -26.65 19.77
N PHE A 115 -8.80 -26.63 19.15
CA PHE A 115 -7.96 -27.82 19.06
C PHE A 115 -6.49 -27.44 19.10
N TYR A 116 -5.64 -28.38 19.52
CA TYR A 116 -4.19 -28.26 19.41
C TYR A 116 -3.73 -29.04 18.19
N ILE A 117 -2.63 -28.63 17.55
CA ILE A 117 -2.11 -29.44 16.44
C ILE A 117 -0.61 -29.60 16.54
N LYS A 118 -0.11 -30.81 16.29
CA LYS A 118 1.32 -31.07 16.21
C LYS A 118 1.72 -31.67 14.86
N ASN A 119 2.69 -31.05 14.21
CA ASN A 119 3.32 -31.56 13.00
C ASN A 119 4.65 -32.30 13.35
N PHE A 120 4.73 -33.61 13.12
CA PHE A 120 5.94 -34.37 13.43
C PHE A 120 6.82 -34.55 12.19
N MET A 121 6.31 -34.12 11.03
CA MET A 121 7.10 -34.12 9.80
C MET A 121 8.17 -33.01 9.88
N GLN A 122 9.24 -33.13 9.09
CA GLN A 122 10.28 -32.14 9.10
C GLN A 122 9.88 -30.91 8.30
N THR A 123 9.00 -31.09 7.31
CA THR A 123 8.57 -30.01 6.42
C THR A 123 7.24 -29.40 6.90
N GLU A 124 7.21 -28.08 6.98
CA GLU A 124 5.96 -27.35 7.27
C GLU A 124 4.89 -27.50 6.18
N PHE A 125 3.65 -27.38 6.61
CA PHE A 125 2.55 -27.38 5.67
C PHE A 125 1.61 -26.25 6.05
N PHE A 126 0.73 -25.87 5.14
CA PHE A 126 -0.21 -24.77 5.41
C PHE A 126 -1.58 -25.35 5.73
N LEU A 127 -2.00 -25.19 6.98
CA LEU A 127 -3.29 -25.73 7.44
C LEU A 127 -4.38 -24.74 7.02
N VAL A 128 -5.40 -25.23 6.33
CA VAL A 128 -6.52 -24.39 5.89
C VAL A 128 -7.73 -24.42 6.85
N SER A 129 -8.34 -25.58 7.04
CA SER A 129 -9.52 -25.65 7.89
C SER A 129 -9.65 -26.99 8.61
N LEU A 130 -10.46 -27.01 9.68
CA LEU A 130 -11.01 -28.26 10.22
C LEU A 130 -12.54 -28.16 10.29
N THR A 131 -13.23 -29.23 9.88
CA THR A 131 -14.68 -29.33 10.02
C THR A 131 -15.05 -30.54 10.87
N LEU A 132 -15.80 -30.32 11.95
CA LEU A 132 -16.33 -31.40 12.78
C LEU A 132 -17.81 -31.62 12.51
N GLU A 133 -18.20 -32.86 12.24
CA GLU A 133 -19.57 -33.22 11.96
C GLU A 133 -20.05 -33.87 13.24
N ASP A 134 -20.90 -33.15 13.99
CA ASP A 134 -21.04 -33.39 15.45
C ASP A 134 -21.97 -34.49 15.94
N ILE A 135 -22.46 -34.34 17.18
CA ILE A 135 -23.16 -35.42 17.93
C ILE A 135 -24.51 -35.10 18.65
N PRO A 136 -24.64 -33.99 19.39
CA PRO A 136 -25.95 -33.70 19.95
C PRO A 136 -26.72 -32.88 18.93
N ASN A 137 -27.82 -32.25 19.35
CA ASN A 137 -28.64 -31.42 18.46
C ASN A 137 -27.86 -30.15 18.19
N HIS A 138 -26.84 -30.29 17.32
CA HIS A 138 -25.75 -29.33 17.13
C HIS A 138 -25.24 -29.47 15.70
N GLY A 139 -25.17 -28.34 15.00
CA GLY A 139 -24.65 -28.28 13.64
C GLY A 139 -23.16 -28.59 13.54
N SER A 140 -22.66 -28.54 12.31
CA SER A 140 -21.23 -28.73 12.07
C SER A 140 -20.46 -27.63 12.76
N ILE A 141 -19.26 -27.95 13.23
CA ILE A 141 -18.34 -26.92 13.71
C ILE A 141 -17.17 -26.68 12.75
N HIS A 142 -17.04 -25.44 12.29
CA HIS A 142 -16.02 -25.00 11.36
C HIS A 142 -14.89 -24.23 12.03
N PHE A 143 -13.65 -24.56 11.65
CA PHE A 143 -12.42 -23.91 12.16
C PHE A 143 -11.69 -23.35 10.97
N VAL A 144 -11.52 -22.05 10.85
CA VAL A 144 -10.83 -21.49 9.68
C VAL A 144 -9.44 -21.18 10.15
N CYS A 145 -8.42 -21.83 9.62
CA CYS A 145 -7.08 -21.73 10.24
C CYS A 145 -6.12 -20.82 9.50
N ASN A 146 -5.93 -21.12 8.22
CA ASN A 146 -4.97 -20.43 7.35
C ASN A 146 -3.62 -20.14 7.99
N SER A 147 -2.89 -21.19 8.35
CA SER A 147 -1.67 -20.96 9.11
C SER A 147 -0.62 -22.01 8.82
N TRP A 148 0.64 -21.58 8.74
CA TRP A 148 1.73 -22.53 8.52
C TRP A 148 2.04 -23.26 9.82
N ILE A 149 2.11 -24.59 9.77
CA ILE A 149 2.37 -25.39 10.95
C ILE A 149 3.76 -25.99 10.83
N TYR A 150 4.70 -25.44 11.61
CA TYR A 150 6.08 -25.92 11.61
C TYR A 150 6.20 -27.10 12.58
N ASN A 151 7.32 -27.81 12.49
CA ASN A 151 7.61 -28.97 13.32
C ASN A 151 7.39 -28.71 14.80
N ALA A 152 6.71 -29.64 15.46
CA ALA A 152 6.24 -29.47 16.84
C ALA A 152 7.34 -29.23 17.89
N LYS A 153 8.56 -29.70 17.67
CA LYS A 153 9.59 -29.52 18.70
C LYS A 153 10.29 -28.14 18.67
N LEU A 154 9.83 -27.27 17.76
CA LEU A 154 10.28 -25.89 17.67
C LEU A 154 9.47 -24.96 18.57
N PHE A 155 8.37 -25.46 19.09
CA PHE A 155 7.46 -24.61 19.84
C PHE A 155 7.41 -25.10 21.26
N LYS A 156 7.33 -24.17 22.22
CA LYS A 156 7.27 -24.63 23.61
C LYS A 156 5.84 -25.07 23.99
N SER A 157 4.84 -24.49 23.35
CA SER A 157 3.44 -24.91 23.55
C SER A 157 2.80 -25.13 22.18
N ASP A 158 1.80 -26.01 22.12
CA ASP A 158 1.22 -26.39 20.85
C ASP A 158 0.40 -25.27 20.16
N ARG A 159 0.47 -25.26 18.82
CA ARG A 159 -0.38 -24.42 17.99
C ARG A 159 -1.84 -24.68 18.32
N ILE A 160 -2.59 -23.61 18.58
CA ILE A 160 -3.98 -23.74 18.96
C ILE A 160 -4.85 -22.95 17.99
N PHE A 161 -6.03 -23.50 17.70
CA PHE A 161 -6.92 -22.89 16.74
C PHE A 161 -8.32 -22.93 17.33
N PHE A 162 -9.09 -21.87 17.12
CA PHE A 162 -10.40 -21.77 17.71
C PHE A 162 -11.44 -21.91 16.64
N ALA A 163 -12.66 -22.19 17.09
CA ALA A 163 -13.75 -22.32 16.18
C ALA A 163 -14.19 -20.97 15.70
N ASN A 164 -15.13 -21.11 14.78
CA ASN A 164 -15.81 -20.07 14.02
C ASN A 164 -16.45 -18.90 14.72
N GLN A 165 -16.89 -19.18 15.93
CA GLN A 165 -17.73 -18.31 16.73
C GLN A 165 -16.97 -17.07 17.17
N THR A 166 -17.57 -15.93 16.90
CA THR A 166 -17.05 -14.64 17.30
C THR A 166 -17.42 -14.37 18.79
N TYR A 167 -16.47 -13.97 19.62
CA TYR A 167 -16.79 -13.64 21.03
C TYR A 167 -16.12 -12.36 21.48
N LEU A 168 -16.88 -11.50 22.14
CA LEU A 168 -16.25 -10.41 22.92
C LEU A 168 -15.57 -11.07 24.14
N PRO A 169 -14.56 -10.45 24.77
CA PRO A 169 -13.96 -11.03 25.99
C PRO A 169 -14.92 -11.43 27.11
N SER A 170 -16.01 -10.70 27.34
CA SER A 170 -16.94 -11.08 28.40
C SER A 170 -17.81 -12.30 28.01
N GLU A 171 -17.83 -12.63 26.73
CA GLU A 171 -18.66 -13.69 26.20
C GLU A 171 -17.91 -14.98 25.98
N THR A 172 -16.59 -15.02 26.13
CA THR A 172 -15.92 -16.30 25.84
C THR A 172 -16.20 -17.37 26.91
N PRO A 173 -16.53 -18.58 26.45
CA PRO A 173 -16.84 -19.70 27.32
C PRO A 173 -15.75 -19.88 28.36
N ALA A 174 -16.17 -19.96 29.61
CA ALA A 174 -15.25 -20.04 30.73
C ALA A 174 -14.08 -21.02 30.56
N PRO A 175 -14.32 -22.27 30.13
CA PRO A 175 -13.20 -23.20 29.88
C PRO A 175 -12.18 -22.77 28.82
N LEU A 176 -12.49 -21.73 28.05
CA LEU A 176 -11.62 -21.20 27.00
C LEU A 176 -10.91 -19.85 27.31
N VAL A 177 -11.25 -19.24 28.44
CA VAL A 177 -10.73 -17.92 28.81
C VAL A 177 -9.21 -17.93 28.88
N LYS A 178 -8.65 -18.98 29.51
CA LYS A 178 -7.20 -19.07 29.68
C LYS A 178 -6.45 -19.39 28.39
N TYR A 179 -7.08 -20.17 27.51
CA TYR A 179 -6.53 -20.52 26.21
C TYR A 179 -6.46 -19.30 25.32
N ARG A 180 -7.43 -18.42 25.46
CA ARG A 180 -7.54 -17.19 24.69
C ARG A 180 -6.44 -16.22 25.06
N GLU A 181 -6.28 -16.00 26.37
CA GLU A 181 -5.25 -15.05 26.86
C GLU A 181 -3.83 -15.59 26.71
N GLU A 182 -3.64 -16.91 26.85
CA GLU A 182 -2.34 -17.54 26.62
C GLU A 182 -1.86 -17.37 25.18
N GLU A 183 -2.75 -17.47 24.19
CA GLU A 183 -2.23 -17.31 22.84
C GLU A 183 -1.81 -15.89 22.48
N LEU A 184 -2.56 -14.94 23.04
CA LEU A 184 -2.27 -13.51 22.96
C LEU A 184 -0.92 -13.14 23.59
N HIS A 185 -0.60 -13.83 24.69
CA HIS A 185 0.68 -13.70 25.38
C HIS A 185 1.79 -14.30 24.51
N ASN A 186 1.49 -15.43 23.88
CA ASN A 186 2.47 -16.07 22.98
C ASN A 186 2.75 -15.21 21.72
N LEU A 187 1.72 -14.52 21.24
CA LEU A 187 1.86 -13.62 20.10
C LEU A 187 2.73 -12.34 20.39
N ARG A 188 2.76 -11.90 21.64
CA ARG A 188 3.52 -10.71 22.03
C ARG A 188 5.07 -10.95 22.15
N GLY A 189 5.46 -12.14 22.60
CA GLY A 189 6.85 -12.40 22.99
C GLY A 189 7.21 -11.57 24.24
N ASP A 190 8.49 -11.36 24.50
CA ASP A 190 8.92 -10.54 25.64
C ASP A 190 9.77 -9.34 25.24
N GLY A 191 9.97 -9.18 23.93
CA GLY A 191 10.67 -8.02 23.41
C GLY A 191 12.16 -8.24 23.30
N THR A 192 12.61 -9.49 23.44
CA THR A 192 14.01 -9.85 23.33
C THR A 192 14.23 -10.89 22.25
N GLY A 193 15.47 -11.05 21.81
CA GLY A 193 15.84 -12.15 20.94
C GLY A 193 15.82 -11.86 19.45
N GLU A 194 16.63 -12.61 18.72
CA GLU A 194 16.60 -12.54 17.27
C GLU A 194 15.43 -13.36 16.75
N ARG A 195 14.58 -12.73 15.95
CA ARG A 195 13.43 -13.42 15.40
C ARG A 195 13.77 -14.41 14.28
N LYS A 196 13.08 -15.56 14.30
CA LYS A 196 13.32 -16.66 13.36
C LYS A 196 12.14 -16.84 12.42
N GLU A 197 12.37 -17.48 11.27
CA GLU A 197 11.39 -17.66 10.19
C GLU A 197 10.04 -18.29 10.64
N TRP A 198 10.13 -19.28 11.53
CA TRP A 198 8.99 -20.03 12.05
C TRP A 198 8.15 -19.30 13.10
N GLU A 199 8.60 -18.14 13.56
CA GLU A 199 8.00 -17.52 14.75
C GLU A 199 6.82 -16.63 14.39
N ARG A 200 5.88 -16.49 15.32
CA ARG A 200 4.73 -15.66 15.06
C ARG A 200 4.67 -14.64 16.16
N ILE A 201 5.71 -13.84 16.26
CA ILE A 201 5.84 -12.89 17.34
C ILE A 201 5.75 -11.46 16.80
N TYR A 202 4.81 -10.68 17.34
CA TYR A 202 4.57 -9.35 16.84
C TYR A 202 5.05 -8.34 17.86
N ASP A 203 5.91 -7.41 17.43
CA ASP A 203 6.39 -6.35 18.31
C ASP A 203 6.87 -5.19 17.42
N TYR A 204 7.36 -4.11 18.05
CA TYR A 204 7.68 -2.85 17.40
C TYR A 204 9.15 -2.46 17.52
N ASP A 205 9.60 -1.69 16.54
CA ASP A 205 10.93 -1.10 16.61
C ASP A 205 10.89 0.15 15.74
N VAL A 206 11.91 0.99 15.88
CA VAL A 206 12.03 2.16 15.05
C VAL A 206 12.73 1.78 13.75
N TYR A 207 12.76 2.73 12.80
CA TYR A 207 13.44 2.58 11.53
C TYR A 207 14.90 2.95 11.70
N ASN A 208 15.65 1.99 12.23
CA ASN A 208 17.10 2.11 12.51
C ASN A 208 17.82 1.10 11.60
N ASP A 209 17.16 0.85 10.50
CA ASP A 209 17.22 -0.34 9.73
C ASP A 209 17.70 -0.13 8.33
N LEU A 210 17.60 1.11 7.86
CA LEU A 210 17.71 1.43 6.44
C LEU A 210 19.11 1.67 5.91
N GLY A 211 20.05 1.98 6.79
CA GLY A 211 21.37 2.32 6.32
C GLY A 211 22.34 1.19 6.62
N ASP A 212 23.60 1.38 6.22
CA ASP A 212 24.64 0.43 6.52
C ASP A 212 25.92 1.15 6.90
N PRO A 213 26.05 1.53 8.17
CA PRO A 213 27.17 2.35 8.59
C PRO A 213 28.50 1.58 8.61
N ASP A 214 28.48 0.24 8.65
CA ASP A 214 29.68 -0.58 8.53
C ASP A 214 30.39 -0.47 7.17
N LYS A 215 29.66 -0.20 6.09
CA LYS A 215 30.25 0.03 4.76
C LYS A 215 30.87 1.41 4.67
N GLY A 216 30.48 2.30 5.57
CA GLY A 216 31.01 3.64 5.59
C GLY A 216 30.04 4.65 6.18
N GLU A 217 30.57 5.84 6.45
CA GLU A 217 29.86 6.94 7.06
C GLU A 217 28.84 7.57 6.11
N ASN A 218 29.12 7.46 4.80
CA ASN A 218 28.25 8.03 3.80
C ASN A 218 27.02 7.14 3.54
N HIS A 219 27.04 5.93 4.12
CA HIS A 219 25.95 4.97 4.02
C HIS A 219 25.06 4.95 5.27
N ALA A 220 25.42 5.74 6.29
CA ALA A 220 24.56 5.84 7.47
C ALA A 220 23.32 6.69 7.17
N ARG A 221 22.19 6.30 7.77
CA ARG A 221 20.89 6.98 7.65
C ARG A 221 20.38 7.25 9.07
N PRO A 222 19.73 8.40 9.32
CA PRO A 222 19.20 8.72 10.65
C PRO A 222 18.16 7.73 11.14
N VAL A 223 18.10 7.48 12.44
CA VAL A 223 17.00 6.69 12.95
C VAL A 223 15.68 7.48 12.92
N LEU A 224 14.66 6.85 12.35
CA LEU A 224 13.37 7.49 12.25
C LEU A 224 12.43 6.92 13.28
N GLY A 225 11.95 7.81 14.15
CA GLY A 225 11.03 7.42 15.17
C GLY A 225 11.74 7.46 16.50
N GLY A 226 11.02 7.72 17.59
CA GLY A 226 11.63 7.80 18.91
C GLY A 226 12.40 9.05 19.26
N ASN A 227 12.24 10.11 18.46
CA ASN A 227 12.88 11.41 18.74
C ASN A 227 11.97 12.48 18.13
N ASP A 228 12.12 13.73 18.55
CA ASP A 228 11.24 14.78 18.07
C ASP A 228 11.62 15.37 16.72
N THR A 229 12.88 15.17 16.31
CA THR A 229 13.32 15.68 15.02
C THR A 229 12.78 14.88 13.86
N PHE A 230 12.94 13.56 13.93
CA PHE A 230 12.41 12.67 12.90
C PHE A 230 11.35 11.66 13.48
N PRO A 231 10.15 12.09 13.81
CA PRO A 231 9.16 11.14 14.30
C PRO A 231 8.69 10.22 13.16
N TYR A 232 8.26 9.00 13.48
CA TYR A 232 7.86 8.03 12.47
C TYR A 232 6.99 6.98 13.15
N PRO A 233 6.11 6.34 12.41
CA PRO A 233 5.44 5.16 12.96
C PRO A 233 6.47 4.04 13.15
N ARG A 234 6.14 3.07 14.01
CA ARG A 234 7.01 1.93 14.23
C ARG A 234 6.82 0.92 13.11
N ARG A 235 7.76 0.01 12.99
CA ARG A 235 7.64 -1.09 12.05
C ARG A 235 7.79 -2.39 12.87
N GLY A 236 7.64 -3.53 12.20
CA GLY A 236 7.81 -4.84 12.83
C GLY A 236 9.21 -5.13 13.37
N ARG A 237 9.32 -5.43 14.66
CA ARG A 237 10.61 -5.79 15.25
C ARG A 237 11.17 -7.10 14.66
N THR A 238 12.44 -7.09 14.27
CA THR A 238 13.12 -8.24 13.74
C THR A 238 14.18 -8.39 14.77
N GLY A 239 14.80 -9.51 14.95
CA GLY A 239 15.72 -9.31 16.08
C GLY A 239 17.22 -9.09 15.95
N ARG A 240 17.69 -8.56 14.82
CA ARG A 240 19.12 -8.72 14.53
C ARG A 240 20.08 -7.96 15.44
N LYS A 241 21.34 -8.40 15.38
CA LYS A 241 22.40 -7.85 16.19
C LYS A 241 22.70 -6.46 15.64
N PRO A 242 23.03 -5.53 16.53
CA PRO A 242 23.37 -4.18 16.10
C PRO A 242 24.63 -4.17 15.24
N THR A 243 24.69 -3.17 14.39
CA THR A 243 25.83 -2.78 13.59
C THR A 243 27.11 -2.63 14.47
N ARG A 244 28.27 -3.00 13.93
CA ARG A 244 29.51 -2.88 14.68
C ARG A 244 29.97 -1.43 14.91
N LYS A 245 29.62 -0.54 13.98
CA LYS A 245 30.06 0.85 14.10
C LYS A 245 29.07 1.70 14.90
N ASP A 246 27.81 1.30 14.88
CA ASP A 246 26.73 2.03 15.52
C ASP A 246 25.80 1.07 16.27
N PRO A 247 25.88 1.05 17.60
CA PRO A 247 24.94 0.28 18.43
C PRO A 247 23.47 0.63 18.25
N ASN A 248 23.17 1.85 17.81
CA ASN A 248 21.81 2.28 17.63
C ASN A 248 21.21 1.89 16.27
N SER A 249 22.01 1.30 15.38
CA SER A 249 21.49 0.80 14.10
C SER A 249 21.53 -0.72 14.06
N GLU A 250 20.53 -1.30 13.41
CA GLU A 250 20.42 -2.75 13.28
C GLU A 250 21.18 -3.22 12.04
N SER A 251 21.95 -4.30 12.15
CA SER A 251 22.68 -4.84 10.99
C SER A 251 21.82 -5.35 9.82
N ARG A 252 22.38 -5.25 8.62
CA ARG A 252 21.67 -5.61 7.39
C ARG A 252 21.67 -7.09 7.21
N SER A 253 20.61 -7.59 6.57
CA SER A 253 20.46 -9.00 6.24
C SER A 253 19.84 -9.15 4.89
N ASN A 254 20.06 -10.29 4.25
CA ASN A 254 19.36 -10.60 3.02
C ASN A 254 17.96 -11.16 3.25
N ASP A 255 17.69 -11.52 4.51
CA ASP A 255 16.42 -12.07 4.95
C ASP A 255 15.78 -11.21 6.04
N VAL A 256 14.63 -10.59 5.75
CA VAL A 256 13.95 -9.84 6.79
C VAL A 256 12.80 -10.69 7.36
N TYR A 257 12.88 -10.96 8.65
CA TYR A 257 11.78 -11.59 9.38
C TYR A 257 10.51 -10.74 9.34
N LEU A 258 9.38 -11.44 9.28
CA LEU A 258 8.05 -10.91 9.57
C LEU A 258 7.34 -12.12 10.15
N PRO A 259 6.34 -11.93 11.00
CA PRO A 259 5.63 -13.07 11.62
C PRO A 259 5.04 -13.97 10.52
N ARG A 260 5.22 -15.29 10.66
CA ARG A 260 5.11 -16.25 9.59
C ARG A 260 3.84 -16.14 8.74
N ASP A 261 2.67 -15.96 9.36
CA ASP A 261 1.46 -15.98 8.54
C ASP A 261 1.17 -14.63 7.89
N GLU A 262 2.05 -13.64 8.09
CA GLU A 262 1.95 -12.40 7.31
C GLU A 262 2.60 -12.57 5.93
N ALA A 263 3.39 -13.61 5.73
CA ALA A 263 3.96 -13.88 4.40
C ALA A 263 3.12 -14.84 3.59
N PHE A 264 2.44 -14.32 2.57
CA PHE A 264 1.52 -15.13 1.75
C PHE A 264 2.21 -15.76 0.57
N GLY A 265 1.93 -17.04 0.34
CA GLY A 265 2.41 -17.77 -0.82
C GLY A 265 1.38 -17.64 -1.93
N HIS A 266 1.75 -18.16 -3.10
CA HIS A 266 0.84 -18.11 -4.25
C HIS A 266 0.92 -19.44 -4.97
N LEU A 267 -0.16 -19.74 -5.68
CA LEU A 267 -0.26 -20.98 -6.46
C LEU A 267 0.40 -20.83 -7.84
N LYS A 268 0.59 -19.59 -8.26
CA LYS A 268 1.03 -19.26 -9.62
C LYS A 268 2.32 -18.42 -9.54
N SER A 269 3.30 -18.82 -10.35
CA SER A 269 4.62 -18.22 -10.49
C SER A 269 4.56 -16.70 -10.67
N SER A 270 3.76 -16.27 -11.65
CA SER A 270 3.56 -14.83 -11.91
C SER A 270 2.90 -13.97 -10.82
N ASP A 271 2.32 -14.57 -9.79
CA ASP A 271 1.69 -13.78 -8.71
C ASP A 271 2.65 -13.47 -7.58
N PHE A 272 3.86 -14.04 -7.66
CA PHE A 272 4.95 -13.74 -6.72
C PHE A 272 5.64 -12.39 -6.99
N LEU A 273 4.91 -11.30 -6.80
CA LEU A 273 5.38 -9.99 -7.21
C LEU A 273 6.49 -9.37 -6.38
N THR A 274 6.50 -9.60 -5.06
CA THR A 274 7.62 -9.10 -4.21
C THR A 274 8.93 -9.67 -4.60
N TYR A 275 8.87 -10.95 -4.98
CA TYR A 275 10.00 -11.69 -5.46
C TYR A 275 10.47 -11.11 -6.80
N GLY A 276 9.55 -10.58 -7.60
CA GLY A 276 9.95 -9.90 -8.82
C GLY A 276 10.67 -8.59 -8.52
N LEU A 277 10.11 -7.78 -7.63
CA LEU A 277 10.73 -6.53 -7.19
C LEU A 277 12.15 -6.73 -6.65
N LYS A 278 12.28 -7.70 -5.74
CA LYS A 278 13.53 -8.12 -5.13
C LYS A 278 14.56 -8.45 -6.22
N SER A 279 14.13 -9.22 -7.22
CA SER A 279 15.00 -9.59 -8.33
C SER A 279 15.43 -8.42 -9.22
N VAL A 280 14.59 -7.41 -9.37
CA VAL A 280 14.97 -6.23 -10.15
C VAL A 280 16.18 -5.49 -9.51
N SER A 281 16.11 -5.24 -8.20
CA SER A 281 17.21 -4.64 -7.43
C SER A 281 18.46 -5.52 -7.37
N GLN A 282 18.25 -6.79 -7.06
CA GLN A 282 19.36 -7.73 -6.93
C GLN A 282 20.00 -8.13 -8.25
N ASN A 283 19.19 -8.43 -9.24
CA ASN A 283 19.76 -8.98 -10.46
C ASN A 283 19.68 -8.05 -11.65
N VAL A 284 18.54 -7.41 -11.85
CA VAL A 284 18.34 -6.69 -13.11
C VAL A 284 19.10 -5.36 -13.14
N LEU A 285 19.13 -4.68 -12.01
CA LEU A 285 19.83 -3.39 -11.86
C LEU A 285 21.35 -3.53 -12.09
N PRO A 286 22.11 -4.38 -11.35
CA PRO A 286 23.52 -4.60 -11.73
C PRO A 286 23.74 -5.01 -13.16
N LEU A 287 22.88 -5.84 -13.75
CA LEU A 287 23.10 -6.23 -15.15
C LEU A 287 22.62 -5.19 -16.16
N LEU A 288 21.74 -4.28 -15.74
CA LEU A 288 21.45 -3.15 -16.61
C LEU A 288 22.57 -2.13 -16.47
N GLN A 289 23.04 -1.97 -15.24
CA GLN A 289 24.03 -0.96 -14.88
C GLN A 289 25.39 -1.28 -15.43
N SER A 290 25.59 -2.51 -15.89
CA SER A 290 26.75 -2.88 -16.71
C SER A 290 26.58 -2.64 -18.21
N ALA A 291 25.44 -2.12 -18.65
CA ALA A 291 25.28 -1.81 -20.08
C ALA A 291 25.51 -0.34 -20.33
N PHE A 292 25.34 0.46 -19.27
CA PHE A 292 25.57 1.90 -19.36
C PHE A 292 27.02 2.19 -18.93
N ASP A 293 27.63 1.24 -18.23
CA ASP A 293 29.01 1.39 -17.76
C ASP A 293 30.10 1.19 -18.81
N LEU A 294 29.72 0.70 -20.00
CA LEU A 294 30.57 0.91 -21.16
C LEU A 294 29.80 1.53 -22.33
N ASN A 295 29.13 0.73 -23.19
CA ASN A 295 28.56 1.29 -24.45
C ASN A 295 27.47 0.62 -25.31
N PHE A 296 26.84 -0.47 -24.89
CA PHE A 296 25.88 -1.15 -25.80
C PHE A 296 24.58 -0.34 -25.96
N THR A 297 24.36 0.52 -24.98
CA THR A 297 23.33 1.51 -25.02
C THR A 297 23.94 2.88 -24.95
N PRO A 298 23.51 3.72 -25.89
CA PRO A 298 23.63 5.18 -25.75
C PRO A 298 23.02 5.57 -24.40
N ARG A 299 23.74 6.38 -23.63
CA ARG A 299 23.41 6.69 -22.23
C ARG A 299 22.28 7.71 -22.04
N GLU A 300 22.06 8.52 -23.06
CA GLU A 300 21.00 9.51 -23.01
C GLU A 300 20.02 9.34 -24.16
N PHE A 301 18.76 9.67 -23.89
CA PHE A 301 17.76 9.85 -24.94
C PHE A 301 18.07 11.14 -25.69
N ASP A 302 17.94 11.12 -27.01
CA ASP A 302 18.25 12.28 -27.83
C ASP A 302 17.01 12.94 -28.40
N SER A 303 15.89 12.20 -28.44
CA SER A 303 14.64 12.70 -28.99
C SER A 303 13.47 12.02 -28.30
N PHE A 304 12.27 12.60 -28.45
CA PHE A 304 11.04 12.08 -27.86
C PHE A 304 10.68 10.77 -28.57
N ASP A 305 10.93 10.71 -29.89
CA ASP A 305 10.80 9.48 -30.69
C ASP A 305 11.49 8.25 -30.05
N GLU A 306 12.71 8.46 -29.54
CA GLU A 306 13.47 7.43 -28.84
C GLU A 306 12.89 7.00 -27.52
N VAL A 307 12.15 7.88 -26.85
CA VAL A 307 11.42 7.48 -25.65
C VAL A 307 10.26 6.55 -26.04
N HIS A 308 9.59 6.85 -27.15
CA HIS A 308 8.45 6.04 -27.61
C HIS A 308 8.86 4.67 -28.17
N GLY A 309 10.09 4.57 -28.69
CA GLY A 309 10.70 3.32 -29.11
C GLY A 309 10.70 2.21 -28.07
N LEU A 310 10.77 2.58 -26.78
CA LEU A 310 10.60 1.67 -25.63
C LEU A 310 9.37 0.75 -25.71
N TYR A 311 8.30 1.22 -26.33
CA TYR A 311 7.05 0.47 -26.37
C TYR A 311 6.80 -0.22 -27.72
N SER A 312 7.59 0.13 -28.75
CA SER A 312 7.56 -0.58 -30.04
C SER A 312 8.63 -1.67 -30.12
N GLY A 313 9.80 -1.30 -30.61
CA GLY A 313 10.91 -2.23 -30.73
C GLY A 313 11.71 -2.40 -29.46
N GLY A 314 11.50 -1.48 -28.52
CA GLY A 314 12.21 -1.52 -27.25
C GLY A 314 13.67 -1.15 -27.37
N ILE A 315 14.42 -1.54 -26.36
CA ILE A 315 15.82 -1.15 -26.34
C ILE A 315 16.76 -2.35 -26.53
N LYS A 316 17.68 -2.25 -27.49
CA LYS A 316 18.72 -3.26 -27.75
C LYS A 316 19.64 -3.52 -26.55
N LEU A 317 19.85 -4.79 -26.25
CA LEU A 317 20.78 -5.20 -25.20
C LEU A 317 21.53 -6.40 -25.78
N PRO A 318 22.76 -6.68 -25.38
CA PRO A 318 23.42 -7.90 -25.88
C PRO A 318 22.88 -9.18 -25.23
N THR A 319 23.03 -10.34 -25.89
CA THR A 319 22.64 -11.66 -25.33
C THR A 319 23.02 -11.80 -23.87
N ASP A 320 24.34 -11.79 -23.65
CA ASP A 320 25.05 -11.67 -22.35
C ASP A 320 24.17 -11.25 -21.18
N ILE A 321 23.62 -10.05 -21.30
CA ILE A 321 22.69 -9.51 -20.33
C ILE A 321 21.26 -10.09 -20.46
N ILE A 322 20.70 -10.02 -21.68
CA ILE A 322 19.32 -10.49 -22.01
C ILE A 322 19.04 -11.96 -21.65
N SER A 323 20.01 -12.83 -21.95
CA SER A 323 19.89 -14.25 -21.65
C SER A 323 20.03 -14.52 -20.15
N LYS A 324 20.50 -13.54 -19.40
CA LYS A 324 20.52 -13.71 -17.96
C LYS A 324 19.24 -13.11 -17.37
N ILE A 325 18.65 -12.12 -18.03
CA ILE A 325 17.42 -11.55 -17.48
C ILE A 325 16.12 -12.15 -18.04
N SER A 326 16.13 -12.72 -19.25
CA SER A 326 14.90 -13.43 -19.67
C SER A 326 14.43 -14.65 -18.78
N PRO A 327 15.31 -15.60 -18.38
CA PRO A 327 14.85 -16.77 -17.61
C PRO A 327 14.74 -16.64 -16.09
N LEU A 328 14.62 -15.47 -15.48
CA LEU A 328 14.35 -15.49 -14.02
C LEU A 328 12.87 -15.82 -13.80
N PRO A 329 12.58 -16.55 -12.72
CA PRO A 329 11.22 -16.74 -12.16
C PRO A 329 9.99 -15.89 -12.64
N VAL A 330 9.68 -14.79 -11.95
CA VAL A 330 8.48 -13.97 -12.14
C VAL A 330 8.53 -12.95 -13.29
N LEU A 331 9.75 -12.57 -13.66
CA LEU A 331 10.02 -11.49 -14.62
C LEU A 331 9.58 -11.78 -16.05
N LYS A 332 9.35 -13.08 -16.32
CA LYS A 332 8.73 -13.61 -17.53
C LYS A 332 7.42 -12.90 -17.94
N GLU A 333 6.59 -12.49 -16.98
CA GLU A 333 5.40 -11.70 -17.29
C GLU A 333 5.72 -10.20 -17.53
N ILE A 334 6.39 -9.55 -16.58
CA ILE A 334 6.54 -8.09 -16.66
C ILE A 334 7.65 -7.55 -17.56
N PHE A 335 8.41 -8.45 -18.22
CA PHE A 335 9.33 -8.02 -19.27
C PHE A 335 8.87 -8.67 -20.55
N ARG A 336 8.85 -7.90 -21.63
CA ARG A 336 8.57 -8.45 -22.93
C ARG A 336 9.92 -8.49 -23.60
N THR A 337 10.22 -9.58 -24.29
CA THR A 337 11.51 -9.79 -24.95
C THR A 337 11.23 -10.29 -26.36
N ASP A 338 11.84 -9.66 -27.36
CA ASP A 338 11.68 -10.13 -28.73
C ASP A 338 12.55 -11.37 -28.87
N GLY A 339 13.85 -11.16 -28.99
CA GLY A 339 14.75 -12.30 -29.07
C GLY A 339 15.94 -12.01 -28.20
N GLU A 340 17.02 -11.63 -28.87
CA GLU A 340 18.19 -11.10 -28.20
C GLU A 340 17.96 -9.62 -27.88
N GLN A 341 18.21 -8.77 -28.87
CA GLN A 341 18.33 -7.34 -28.65
C GLN A 341 17.05 -6.53 -28.40
N ALA A 342 16.23 -6.94 -27.42
CA ALA A 342 15.05 -6.15 -27.07
C ALA A 342 14.56 -6.37 -25.67
N LEU A 343 14.44 -5.27 -24.93
CA LEU A 343 13.66 -5.24 -23.70
C LEU A 343 12.58 -4.27 -24.10
N LYS A 344 11.32 -4.69 -24.04
CA LYS A 344 10.20 -3.85 -24.46
C LYS A 344 9.40 -3.45 -23.24
N PHE A 345 8.58 -2.41 -23.37
CA PHE A 345 7.67 -2.03 -22.29
C PHE A 345 6.27 -1.90 -22.87
N PRO A 346 5.25 -2.32 -22.14
CA PRO A 346 3.87 -2.13 -22.61
C PRO A 346 3.52 -0.63 -22.69
N PRO A 347 2.85 -0.22 -23.76
CA PRO A 347 2.36 1.15 -23.91
C PRO A 347 1.47 1.60 -22.74
N PRO A 348 1.92 2.63 -22.04
CA PRO A 348 1.16 3.21 -20.91
C PRO A 348 -0.12 3.79 -21.45
N LYS A 349 -1.21 3.58 -20.71
CA LYS A 349 -2.53 4.06 -21.13
C LYS A 349 -2.57 5.57 -21.51
N VAL A 350 -1.73 6.38 -20.87
CA VAL A 350 -1.64 7.81 -21.20
C VAL A 350 -1.33 8.20 -22.67
N ILE A 351 -0.66 7.33 -23.43
CA ILE A 351 -0.42 7.61 -24.85
C ILE A 351 -1.15 6.71 -25.83
N GLN A 352 -2.07 5.89 -25.33
CA GLN A 352 -2.69 4.88 -26.19
C GLN A 352 -3.60 5.49 -27.26
N VAL A 353 -4.21 6.61 -26.92
CA VAL A 353 -5.04 7.32 -27.88
C VAL A 353 -4.21 8.41 -28.55
N SER A 354 -3.50 9.19 -27.75
CA SER A 354 -2.74 10.31 -28.30
C SER A 354 -1.34 10.39 -27.68
N LYS A 355 -0.32 10.36 -28.54
CA LYS A 355 1.07 10.44 -28.10
C LYS A 355 1.44 11.80 -27.49
N SER A 356 0.72 12.86 -27.86
CA SER A 356 1.15 14.22 -27.52
C SER A 356 0.24 14.98 -26.55
N ALA A 357 -0.90 14.40 -26.18
CA ALA A 357 -1.88 15.07 -25.32
C ALA A 357 -1.42 15.35 -23.86
N TRP A 358 -0.41 14.64 -23.38
CA TRP A 358 0.18 14.91 -22.06
C TRP A 358 0.82 16.33 -21.87
N MET A 359 1.27 16.94 -22.98
CA MET A 359 1.95 18.25 -22.98
C MET A 359 0.98 19.41 -22.80
N THR A 360 -0.28 19.09 -22.94
CA THR A 360 -1.39 20.01 -22.91
C THR A 360 -1.56 20.54 -21.47
N ASP A 361 -1.87 21.84 -21.33
CA ASP A 361 -2.10 22.47 -20.02
C ASP A 361 -3.30 21.86 -19.33
N GLU A 362 -4.32 21.55 -20.11
CA GLU A 362 -5.53 20.92 -19.59
C GLU A 362 -5.27 19.56 -18.90
N GLU A 363 -4.43 18.72 -19.49
CA GLU A 363 -4.07 17.43 -18.91
C GLU A 363 -3.21 17.57 -17.63
N PHE A 364 -2.26 18.49 -17.68
CA PHE A 364 -1.41 18.81 -16.52
C PHE A 364 -2.28 19.15 -15.29
N ALA A 365 -3.28 20.03 -15.51
CA ALA A 365 -4.23 20.43 -14.49
C ALA A 365 -5.14 19.28 -14.10
N ARG A 366 -5.66 18.55 -15.10
CA ARG A 366 -6.56 17.42 -14.86
C ARG A 366 -5.99 16.32 -13.93
N GLU A 367 -4.69 16.10 -14.03
CA GLU A 367 -4.02 15.06 -13.28
C GLU A 367 -3.87 15.37 -11.79
N MET A 368 -4.14 16.63 -11.42
CA MET A 368 -4.22 17.00 -10.00
C MET A 368 -5.53 16.58 -9.38
N LEU A 369 -6.51 16.25 -10.22
CA LEU A 369 -7.83 15.83 -9.72
C LEU A 369 -8.09 14.36 -10.00
N ALA A 370 -7.37 13.82 -10.99
CA ALA A 370 -7.68 12.47 -11.48
C ALA A 370 -6.43 11.64 -11.80
N GLY A 371 -5.25 12.10 -11.41
CA GLY A 371 -4.03 11.41 -11.75
C GLY A 371 -3.55 10.56 -10.59
N VAL A 372 -2.25 10.29 -10.56
CA VAL A 372 -1.61 9.42 -9.57
C VAL A 372 -1.58 10.01 -8.15
N ASN A 373 -1.67 11.35 -8.09
CA ASN A 373 -1.58 12.08 -6.85
C ASN A 373 -2.69 13.11 -6.80
N PRO A 374 -3.92 12.65 -6.57
CA PRO A 374 -5.11 13.49 -6.80
C PRO A 374 -5.65 14.15 -5.52
N ASN A 375 -4.74 14.31 -4.57
CA ASN A 375 -4.93 14.39 -3.13
C ASN A 375 -4.44 15.70 -2.48
N LEU A 376 -3.70 16.48 -3.24
CA LEU A 376 -2.95 17.60 -2.67
C LEU A 376 -3.50 19.00 -2.94
N ILE A 377 -4.21 19.16 -4.05
CA ILE A 377 -4.76 20.45 -4.45
C ILE A 377 -5.63 21.09 -3.34
N ARG A 378 -5.51 22.41 -3.19
CA ARG A 378 -6.25 23.23 -2.21
C ARG A 378 -6.92 24.41 -2.85
N CYS A 379 -8.03 24.83 -2.27
CA CYS A 379 -8.66 26.08 -2.60
C CYS A 379 -7.97 27.22 -1.89
N LEU A 380 -7.56 28.22 -2.66
CA LEU A 380 -6.96 29.46 -2.17
C LEU A 380 -7.94 30.28 -1.33
N LYS A 381 -7.58 30.54 -0.09
CA LYS A 381 -8.44 31.24 0.85
C LYS A 381 -7.97 32.69 0.94
N ASP A 382 -6.65 32.88 0.98
CA ASP A 382 -6.10 34.25 0.87
C ASP A 382 -4.89 34.34 -0.06
N PHE A 383 -4.57 35.56 -0.45
CA PHE A 383 -3.58 35.84 -1.46
C PHE A 383 -2.64 36.92 -0.96
N PRO A 384 -1.32 36.86 -1.22
CA PRO A 384 -0.62 35.75 -1.89
C PRO A 384 -0.48 34.54 -0.96
N PRO A 385 -0.27 33.33 -1.47
CA PRO A 385 -0.12 32.13 -0.62
C PRO A 385 1.06 32.21 0.35
N ARG A 386 0.85 31.75 1.58
CA ARG A 386 1.87 31.84 2.61
C ARG A 386 2.54 30.51 2.85
N SER A 387 3.72 30.60 3.45
CA SER A 387 4.43 29.42 3.90
C SER A 387 4.37 29.26 5.41
N LYS A 388 4.55 28.02 5.84
CA LYS A 388 4.40 27.62 7.23
C LYS A 388 5.76 27.37 7.82
N LEU A 389 6.77 27.89 7.15
CA LEU A 389 8.14 27.82 7.62
C LEU A 389 8.39 28.96 8.60
N ASP A 390 9.47 28.84 9.37
CA ASP A 390 9.75 29.68 10.55
C ASP A 390 10.48 31.01 10.34
N SER A 391 11.43 31.29 11.25
CA SER A 391 12.18 32.54 11.37
C SER A 391 13.11 32.87 10.20
N GLN A 392 13.01 32.10 9.10
CA GLN A 392 13.45 32.54 7.76
C GLN A 392 12.55 33.76 7.32
N VAL A 393 12.47 34.22 6.05
CA VAL A 393 11.51 35.35 5.84
C VAL A 393 10.31 35.08 4.95
N TYR A 394 10.54 34.43 3.81
CA TYR A 394 9.54 34.00 2.83
C TYR A 394 8.40 33.13 3.32
N GLY A 395 8.24 33.08 4.64
CA GLY A 395 7.29 32.22 5.34
C GLY A 395 6.40 33.11 6.14
N ASP A 396 7.01 34.21 6.54
CA ASP A 396 6.37 35.34 7.21
C ASP A 396 6.17 36.43 6.15
N HIS A 397 6.71 36.13 4.96
CA HIS A 397 6.52 36.86 3.70
C HIS A 397 5.49 36.02 2.93
N THR A 398 5.70 35.81 1.64
CA THR A 398 4.80 35.00 0.83
C THR A 398 5.42 34.47 -0.48
N SER A 399 4.53 33.91 -1.28
CA SER A 399 4.74 33.72 -2.71
C SER A 399 4.92 35.06 -3.41
N GLN A 400 5.75 35.08 -4.45
CA GLN A 400 6.01 36.30 -5.22
C GLN A 400 5.12 36.39 -6.48
N ILE A 401 4.11 35.53 -6.55
CA ILE A 401 3.12 35.60 -7.61
C ILE A 401 2.19 36.75 -7.23
N THR A 402 1.91 37.59 -8.21
CA THR A 402 1.23 38.85 -8.00
C THR A 402 -0.15 38.87 -8.66
N LYS A 403 -0.94 39.90 -8.34
CA LYS A 403 -2.29 40.02 -8.87
C LYS A 403 -2.26 40.26 -10.37
N GLU A 404 -1.29 41.03 -10.84
CA GLU A 404 -1.20 41.34 -12.27
C GLU A 404 -0.64 40.19 -13.14
N HIS A 405 -0.08 39.17 -12.47
CA HIS A 405 0.39 37.94 -13.12
C HIS A 405 -0.78 37.08 -13.59
N LEU A 406 -1.94 37.26 -12.97
CA LEU A 406 -3.06 36.33 -13.17
C LEU A 406 -4.22 36.81 -14.04
N GLU A 407 -4.12 37.95 -14.72
CA GLU A 407 -5.32 38.49 -15.42
C GLU A 407 -5.17 38.47 -16.98
N PRO A 408 -5.75 37.44 -17.62
CA PRO A 408 -5.48 37.06 -19.02
C PRO A 408 -6.59 37.03 -20.14
N ASN A 409 -7.31 35.90 -20.26
CA ASN A 409 -8.13 35.54 -21.44
C ASN A 409 -9.59 35.04 -21.19
N LEU A 410 -9.72 33.90 -20.47
CA LEU A 410 -11.01 33.19 -20.25
C LEU A 410 -12.14 34.01 -19.64
N GLU A 411 -11.99 34.43 -18.39
CA GLU A 411 -13.13 34.97 -17.63
C GLU A 411 -13.17 36.46 -17.19
N GLY A 412 -12.03 37.11 -16.98
CA GLY A 412 -12.04 38.54 -16.65
C GLY A 412 -12.54 39.06 -15.30
N LEU A 413 -12.24 38.36 -14.20
CA LEU A 413 -12.60 38.75 -12.82
C LEU A 413 -11.40 39.35 -12.12
N THR A 414 -11.59 40.00 -10.96
CA THR A 414 -10.42 40.37 -10.13
C THR A 414 -9.96 39.14 -9.36
N VAL A 415 -8.74 39.19 -8.82
CA VAL A 415 -8.21 38.09 -7.99
C VAL A 415 -9.09 37.81 -6.77
N ASP A 416 -9.54 38.90 -6.12
CA ASP A 416 -10.48 38.82 -5.01
C ASP A 416 -11.85 38.22 -5.39
N GLU A 417 -12.35 38.57 -6.58
CA GLU A 417 -13.61 38.02 -7.08
C GLU A 417 -13.48 36.51 -7.28
N ALA A 418 -12.35 36.09 -7.83
CA ALA A 418 -12.08 34.69 -8.07
C ALA A 418 -11.90 33.92 -6.75
N ILE A 419 -11.29 34.56 -5.75
CA ILE A 419 -11.18 33.92 -4.43
C ILE A 419 -12.54 33.74 -3.74
N GLN A 420 -13.36 34.82 -3.76
CA GLN A 420 -14.72 34.86 -3.22
C GLN A 420 -15.66 33.81 -3.83
N ASN A 421 -15.58 33.63 -5.15
CA ASN A 421 -16.35 32.61 -5.86
C ASN A 421 -15.70 31.22 -5.84
N LYS A 422 -14.64 31.04 -5.04
CA LYS A 422 -13.85 29.79 -4.94
C LYS A 422 -13.41 29.20 -6.31
N ARG A 423 -12.78 30.03 -7.11
CA ARG A 423 -12.31 29.56 -8.38
C ARG A 423 -10.77 29.53 -8.47
N LEU A 424 -10.07 29.99 -7.42
CA LEU A 424 -8.61 29.81 -7.42
C LEU A 424 -8.14 28.65 -6.54
N PHE A 425 -7.16 27.93 -7.06
CA PHE A 425 -6.65 26.70 -6.45
C PHE A 425 -5.12 26.69 -6.49
N LEU A 426 -4.53 25.96 -5.56
CA LEU A 426 -3.10 25.96 -5.39
C LEU A 426 -2.56 24.54 -5.27
N LEU A 427 -1.42 24.28 -5.91
CA LEU A 427 -0.64 23.07 -5.69
C LEU A 427 0.66 23.57 -5.06
N ASP A 428 0.83 23.39 -3.76
CA ASP A 428 1.94 24.01 -3.01
C ASP A 428 2.99 22.96 -2.64
N HIS A 429 4.14 22.99 -3.32
CA HIS A 429 5.25 22.06 -3.04
C HIS A 429 6.45 22.84 -2.49
N HIS A 430 6.18 23.94 -1.82
CA HIS A 430 7.23 24.82 -1.41
C HIS A 430 7.89 24.34 -0.13
N ASP A 431 7.11 24.10 0.90
CA ASP A 431 7.68 23.86 2.26
C ASP A 431 8.52 22.59 2.51
N PRO A 432 8.11 21.39 2.05
CA PRO A 432 8.88 20.16 2.35
C PRO A 432 10.31 20.13 1.80
N ILE A 433 10.54 20.62 0.58
CA ILE A 433 11.86 20.52 -0.05
C ILE A 433 12.81 21.66 0.34
N MET A 434 12.22 22.80 0.68
CA MET A 434 12.99 24.03 0.89
C MET A 434 14.12 24.00 1.89
N PRO A 435 13.96 23.38 3.07
CA PRO A 435 15.08 23.32 4.00
C PRO A 435 16.17 22.35 3.59
N TYR A 436 15.90 21.49 2.61
CA TYR A 436 16.89 20.55 2.08
C TYR A 436 17.42 20.92 0.70
N LEU A 437 16.81 21.92 0.07
CA LEU A 437 17.16 22.36 -1.28
C LEU A 437 18.64 22.62 -1.54
N ARG A 438 19.30 23.29 -0.58
CA ARG A 438 20.71 23.68 -0.71
C ARG A 438 21.62 22.44 -0.76
N ARG A 439 21.28 21.41 0.02
CA ARG A 439 21.97 20.13 0.03
C ARG A 439 21.68 19.28 -1.21
N ILE A 440 20.42 19.27 -1.61
CA ILE A 440 20.00 18.56 -2.81
C ILE A 440 20.70 19.10 -4.07
N ASN A 441 20.86 20.42 -4.16
CA ASN A 441 21.47 21.03 -5.33
C ASN A 441 23.00 20.99 -5.37
N ALA A 442 23.59 20.38 -4.35
CA ALA A 442 25.03 20.09 -4.32
C ALA A 442 25.33 18.68 -4.84
N THR A 443 24.30 17.91 -5.19
CA THR A 443 24.50 16.65 -5.88
C THR A 443 24.41 16.89 -7.39
N SER A 444 24.22 15.82 -8.15
CA SER A 444 23.88 15.88 -9.58
C SER A 444 22.47 16.44 -9.87
N THR A 445 21.59 16.36 -8.88
CA THR A 445 20.25 16.93 -8.96
C THR A 445 20.22 18.47 -8.94
N LYS A 446 19.36 19.07 -9.77
CA LYS A 446 19.04 20.50 -9.69
C LYS A 446 17.51 20.70 -9.71
N ALA A 447 16.99 21.21 -8.60
CA ALA A 447 15.57 21.24 -8.26
C ALA A 447 15.12 22.64 -7.86
N TYR A 448 13.81 22.87 -7.87
CA TYR A 448 13.24 24.08 -7.30
C TYR A 448 12.15 23.66 -6.32
N ALA A 449 11.78 24.57 -5.42
CA ALA A 449 10.54 24.53 -4.66
C ALA A 449 9.47 25.23 -5.49
N THR A 450 8.33 24.59 -5.71
CA THR A 450 7.35 25.16 -6.63
C THR A 450 5.98 25.44 -6.03
N ARG A 451 5.33 26.45 -6.59
CA ARG A 451 3.90 26.66 -6.39
C ARG A 451 3.21 26.86 -7.74
N THR A 452 2.03 26.27 -7.90
CA THR A 452 1.21 26.46 -9.10
C THR A 452 -0.14 26.98 -8.68
N ILE A 453 -0.62 28.04 -9.35
CA ILE A 453 -1.98 28.53 -9.16
C ILE A 453 -2.85 28.17 -10.36
N LEU A 454 -4.03 27.59 -10.07
CA LEU A 454 -4.93 27.08 -11.12
C LEU A 454 -6.27 27.77 -11.04
N PHE A 455 -6.95 27.91 -12.19
CA PHE A 455 -8.21 28.64 -12.30
C PHE A 455 -9.25 27.66 -12.77
N LEU A 456 -10.41 27.64 -12.13
CA LEU A 456 -11.52 26.86 -12.62
C LEU A 456 -12.21 27.63 -13.74
N LYS A 457 -12.19 27.07 -14.94
CA LYS A 457 -12.85 27.73 -16.06
C LYS A 457 -14.38 27.53 -16.02
N ASN A 458 -15.06 28.24 -16.91
CA ASN A 458 -16.50 28.11 -17.10
C ASN A 458 -16.99 26.72 -17.57
N ASP A 459 -16.13 25.99 -18.27
CA ASP A 459 -16.49 24.65 -18.78
C ASP A 459 -16.31 23.55 -17.75
N GLY A 460 -15.99 23.93 -16.52
CA GLY A 460 -15.71 22.96 -15.47
C GLY A 460 -14.32 22.37 -15.47
N THR A 461 -13.44 22.79 -16.38
CA THR A 461 -12.05 22.31 -16.36
C THR A 461 -11.15 23.29 -15.60
N LEU A 462 -9.96 22.80 -15.25
CA LEU A 462 -8.96 23.56 -14.55
C LEU A 462 -7.90 23.98 -15.56
N ARG A 463 -7.29 25.14 -15.33
CA ARG A 463 -6.23 25.66 -16.20
C ARG A 463 -5.13 26.30 -15.35
N PRO A 464 -3.86 25.93 -15.56
CA PRO A 464 -2.74 26.52 -14.82
C PRO A 464 -2.49 27.95 -15.30
N LEU A 465 -2.18 28.80 -14.35
CA LEU A 465 -2.16 30.21 -14.64
C LEU A 465 -0.77 30.80 -14.39
N ALA A 466 -0.04 30.22 -13.44
CA ALA A 466 1.28 30.70 -13.02
C ALA A 466 2.03 29.62 -12.26
N ILE A 467 3.33 29.54 -12.50
CA ILE A 467 4.21 28.63 -11.79
C ILE A 467 5.34 29.44 -11.17
N GLU A 468 5.53 29.30 -9.86
CA GLU A 468 6.62 29.97 -9.14
C GLU A 468 7.75 28.99 -8.91
N LEU A 469 8.95 29.33 -9.38
CA LEU A 469 10.13 28.49 -9.16
C LEU A 469 11.05 29.17 -8.08
N SER A 470 11.19 28.54 -6.93
CA SER A 470 11.94 29.12 -5.82
C SER A 470 13.23 28.37 -5.48
N LEU A 471 14.26 29.16 -5.18
CA LEU A 471 15.60 28.68 -4.89
C LEU A 471 15.92 29.20 -3.51
N PRO A 472 16.76 28.51 -2.75
CA PRO A 472 16.96 28.87 -1.35
C PRO A 472 17.52 30.25 -1.14
N HIS A 473 18.76 30.48 -1.49
CA HIS A 473 19.34 31.60 -0.80
C HIS A 473 20.36 32.37 -1.59
N PRO A 474 19.91 33.57 -1.97
CA PRO A 474 20.77 34.54 -2.62
C PRO A 474 21.97 34.71 -1.69
N GLN A 475 21.72 34.93 -0.39
CA GLN A 475 22.80 35.02 0.58
C GLN A 475 22.37 34.57 1.98
N GLY A 476 22.08 33.28 2.12
CA GLY A 476 21.75 32.72 3.43
C GLY A 476 20.26 32.56 3.66
N ASP A 477 19.92 31.65 4.57
CA ASP A 477 18.53 31.31 4.88
C ASP A 477 17.70 32.42 5.51
N GLN A 478 18.33 33.57 5.70
CA GLN A 478 17.82 34.69 6.46
C GLN A 478 16.80 35.46 5.65
N SER A 479 17.20 35.99 4.49
CA SER A 479 16.24 36.66 3.61
C SER A 479 15.67 35.76 2.51
N GLY A 480 15.05 34.67 2.94
CA GLY A 480 14.08 33.89 2.18
C GLY A 480 14.25 33.42 0.75
N ALA A 481 13.12 33.17 0.10
CA ALA A 481 13.07 32.65 -1.27
C ALA A 481 13.54 33.64 -2.33
N PHE A 482 14.48 33.16 -3.16
CA PHE A 482 14.76 33.74 -4.46
C PHE A 482 13.78 33.05 -5.42
N SER A 483 12.85 33.83 -6.00
CA SER A 483 11.74 33.30 -6.78
C SER A 483 11.58 33.91 -8.18
N GLN A 484 11.27 33.08 -9.17
CA GLN A 484 10.78 33.60 -10.45
C GLN A 484 9.43 32.99 -10.84
N VAL A 485 8.58 33.81 -11.46
CA VAL A 485 7.31 33.30 -11.89
C VAL A 485 7.18 33.20 -13.40
N PHE A 486 6.58 32.11 -13.84
CA PHE A 486 6.47 31.81 -15.25
C PHE A 486 5.01 31.73 -15.61
N LEU A 487 4.72 32.08 -16.86
CA LEU A 487 3.37 32.27 -17.34
C LEU A 487 3.16 31.36 -18.55
N PRO A 488 1.94 30.85 -18.74
CA PRO A 488 1.67 29.97 -19.90
C PRO A 488 1.79 30.70 -21.23
N ALA A 489 2.31 29.98 -22.21
CA ALA A 489 2.44 30.43 -23.59
C ALA A 489 2.38 29.21 -24.51
N ASP A 490 1.99 29.39 -25.76
CA ASP A 490 1.81 28.24 -26.63
C ASP A 490 2.60 28.27 -27.94
N GLU A 491 3.30 29.39 -28.20
CA GLU A 491 4.21 29.50 -29.35
C GLU A 491 5.63 29.79 -28.91
N GLY A 492 6.59 29.42 -29.76
CA GLY A 492 7.97 29.85 -29.64
C GLY A 492 8.75 29.26 -28.48
N VAL A 493 9.81 29.97 -28.08
CA VAL A 493 10.71 29.59 -26.98
C VAL A 493 9.99 29.61 -25.64
N GLU A 494 9.03 30.52 -25.57
CA GLU A 494 8.22 30.80 -24.41
C GLU A 494 7.47 29.55 -23.96
N SER A 495 6.94 28.78 -24.92
CA SER A 495 6.22 27.53 -24.64
C SER A 495 7.13 26.36 -24.28
N SER A 496 8.39 26.40 -24.74
CA SER A 496 9.34 25.38 -24.38
C SER A 496 9.77 25.62 -22.95
N ILE A 497 9.92 26.90 -22.60
CA ILE A 497 10.19 27.37 -21.24
C ILE A 497 9.05 26.96 -20.30
N TRP A 498 7.81 27.15 -20.74
CA TRP A 498 6.63 26.79 -19.93
C TRP A 498 6.49 25.28 -19.67
N LEU A 499 6.88 24.47 -20.66
CA LEU A 499 6.93 23.02 -20.53
C LEU A 499 7.95 22.55 -19.47
N LEU A 500 9.08 23.24 -19.43
CA LEU A 500 10.13 22.96 -18.48
C LEU A 500 9.64 23.37 -17.10
N ALA A 501 8.98 24.52 -17.03
CA ALA A 501 8.39 25.02 -15.79
C ALA A 501 7.41 24.00 -15.19
N LYS A 502 6.63 23.37 -16.06
CA LYS A 502 5.70 22.33 -15.64
C LYS A 502 6.46 21.06 -15.24
N ALA A 503 7.54 20.71 -15.95
CA ALA A 503 8.39 19.59 -15.52
C ALA A 503 8.97 19.74 -14.11
N TYR A 504 9.33 20.97 -13.68
CA TYR A 504 9.88 21.21 -12.35
C TYR A 504 8.82 21.03 -11.26
N VAL A 505 7.59 21.43 -11.56
CA VAL A 505 6.45 21.10 -10.69
C VAL A 505 6.21 19.58 -10.57
N VAL A 506 6.16 18.87 -11.70
CA VAL A 506 5.80 17.45 -11.68
C VAL A 506 6.89 16.63 -10.96
N VAL A 507 8.13 17.05 -11.14
CA VAL A 507 9.27 16.44 -10.46
C VAL A 507 9.13 16.51 -8.92
N ASN A 508 8.70 17.67 -8.38
CA ASN A 508 8.36 17.84 -6.97
C ASN A 508 7.21 16.91 -6.59
N ASP A 509 6.21 16.87 -7.48
CA ASP A 509 4.95 16.14 -7.23
C ASP A 509 5.14 14.60 -7.25
N SER A 510 5.89 14.08 -8.22
CA SER A 510 6.26 12.66 -8.26
C SER A 510 6.94 12.18 -6.99
N CYS A 511 7.84 12.98 -6.44
CA CYS A 511 8.61 12.59 -5.26
C CYS A 511 7.81 12.65 -3.95
N TYR A 512 7.06 13.75 -3.78
CA TYR A 512 6.05 13.87 -2.74
C TYR A 512 5.01 12.72 -2.85
N HIS A 513 4.49 12.44 -4.06
CA HIS A 513 3.59 11.30 -4.24
C HIS A 513 4.20 9.99 -3.75
N GLN A 514 5.43 9.70 -4.17
CA GLN A 514 6.08 8.44 -3.82
C GLN A 514 6.42 8.28 -2.34
N LEU A 515 7.02 9.30 -1.74
CA LEU A 515 7.43 9.21 -0.34
C LEU A 515 6.30 9.43 0.66
N VAL A 516 5.34 10.29 0.32
CA VAL A 516 4.33 10.67 1.31
C VAL A 516 2.96 10.12 0.97
N SER A 517 2.49 10.35 -0.25
CA SER A 517 1.09 9.97 -0.54
C SER A 517 0.97 8.45 -0.57
N HIS A 518 2.05 7.82 -1.01
N HIS A 518 2.05 7.81 -1.00
CA HIS A 518 2.09 6.37 -1.15
CA HIS A 518 2.12 6.36 -1.22
C HIS A 518 2.80 5.72 0.05
C HIS A 518 2.81 5.69 -0.01
N TRP A 519 4.11 5.94 0.17
CA TRP A 519 4.87 5.26 1.22
C TRP A 519 4.43 5.65 2.65
N LEU A 520 4.54 6.91 3.03
CA LEU A 520 4.14 7.30 4.41
C LEU A 520 2.64 7.03 4.72
N ASN A 521 1.74 7.53 3.88
CA ASN A 521 0.33 7.62 4.25
C ASN A 521 -0.43 6.32 4.15
N THR A 522 0.12 5.32 3.44
CA THR A 522 -0.51 4.03 3.38
C THR A 522 0.38 2.99 4.07
N HIS A 523 1.44 2.53 3.38
CA HIS A 523 2.39 1.53 3.89
C HIS A 523 2.86 1.73 5.36
N ALA A 524 3.47 2.87 5.66
CA ALA A 524 4.17 3.04 6.93
C ALA A 524 3.22 3.21 8.08
N VAL A 525 2.24 4.08 7.89
CA VAL A 525 1.20 4.40 8.86
C VAL A 525 0.26 3.23 9.28
N VAL A 526 -0.06 2.34 8.36
CA VAL A 526 -0.87 1.15 8.61
C VAL A 526 -0.14 0.07 9.38
N GLU A 527 1.15 -0.10 9.16
CA GLU A 527 1.88 -1.19 9.84
C GLU A 527 1.72 -1.26 11.39
N PRO A 528 1.81 -0.18 12.18
CA PRO A 528 1.56 -0.35 13.62
C PRO A 528 0.13 -0.77 14.02
N PHE A 529 -0.90 -0.52 13.20
CA PHE A 529 -2.22 -1.08 13.47
C PHE A 529 -2.25 -2.63 13.39
N ILE A 530 -1.55 -3.22 12.41
CA ILE A 530 -1.45 -4.69 12.25
C ILE A 530 -0.81 -5.32 13.44
N ILE A 531 0.28 -4.70 13.88
CA ILE A 531 1.00 -5.14 15.08
C ILE A 531 0.14 -5.04 16.33
N ALA A 532 -0.44 -3.86 16.61
CA ALA A 532 -1.37 -3.69 17.73
C ALA A 532 -2.55 -4.68 17.70
N THR A 533 -3.17 -4.85 16.55
CA THR A 533 -4.30 -5.77 16.42
C THR A 533 -3.95 -7.24 16.81
N ASN A 534 -2.84 -7.75 16.30
CA ASN A 534 -2.45 -9.13 16.55
C ASN A 534 -1.98 -9.37 17.97
N ARG A 535 -1.42 -8.32 18.56
CA ARG A 535 -0.88 -8.41 19.91
C ARG A 535 -1.98 -8.41 20.97
N HIS A 536 -3.11 -7.78 20.66
CA HIS A 536 -4.09 -7.51 21.70
C HIS A 536 -5.52 -7.95 21.43
N LEU A 537 -5.87 -8.29 20.18
CA LEU A 537 -7.23 -8.69 19.88
C LEU A 537 -7.14 -10.16 19.51
N SER A 538 -7.87 -11.02 20.20
CA SER A 538 -7.90 -12.44 19.87
C SER A 538 -8.44 -12.63 18.46
N VAL A 539 -7.99 -13.68 17.77
CA VAL A 539 -8.57 -14.04 16.47
C VAL A 539 -10.10 -14.19 16.49
N VAL A 540 -10.64 -14.41 17.68
CA VAL A 540 -12.03 -14.66 17.92
C VAL A 540 -12.86 -13.35 18.07
N HIS A 541 -12.17 -12.24 18.32
CA HIS A 541 -12.81 -10.97 18.62
C HIS A 541 -13.45 -10.46 17.34
N PRO A 542 -14.66 -9.86 17.44
CA PRO A 542 -15.32 -9.27 16.25
C PRO A 542 -14.50 -8.27 15.51
N ILE A 543 -13.74 -7.46 16.22
CA ILE A 543 -13.04 -6.37 15.58
C ILE A 543 -11.81 -6.91 14.86
N TYR A 544 -11.23 -7.98 15.41
CA TYR A 544 -10.17 -8.70 14.69
C TYR A 544 -10.66 -9.19 13.33
N LYS A 545 -11.85 -9.76 13.28
CA LYS A 545 -12.38 -10.30 12.02
C LYS A 545 -12.74 -9.23 11.02
N LEU A 546 -13.18 -8.07 11.50
CA LEU A 546 -13.49 -6.94 10.63
C LEU A 546 -12.24 -6.41 9.94
N LEU A 547 -11.13 -6.33 10.68
CA LEU A 547 -9.93 -5.64 10.20
C LEU A 547 -8.98 -6.57 9.43
N HIS A 548 -8.96 -7.85 9.80
CA HIS A 548 -7.96 -8.82 9.32
C HIS A 548 -7.74 -8.92 7.78
N PRO A 549 -8.78 -8.99 6.92
CA PRO A 549 -8.51 -9.02 5.48
C PRO A 549 -7.85 -7.76 4.92
N HIS A 550 -7.88 -6.67 5.68
CA HIS A 550 -7.33 -5.43 5.21
C HIS A 550 -5.85 -5.30 5.53
N TYR A 551 -5.29 -6.36 6.10
CA TYR A 551 -3.89 -6.38 6.39
C TYR A 551 -3.08 -7.32 5.53
N ARG A 552 -3.72 -8.07 4.65
CA ARG A 552 -3.07 -9.13 3.88
C ARG A 552 -1.80 -8.71 3.11
N ASP A 553 -0.69 -9.34 3.48
CA ASP A 553 0.62 -9.23 2.80
C ASP A 553 1.38 -7.94 3.07
N THR A 554 0.82 -7.03 3.89
CA THR A 554 1.38 -5.68 4.13
C THR A 554 2.73 -5.66 4.83
N MET A 555 2.87 -6.38 5.94
CA MET A 555 4.19 -6.51 6.58
C MET A 555 5.25 -7.14 5.64
N ASN A 556 4.80 -8.02 4.74
CA ASN A 556 5.63 -8.61 3.68
C ASN A 556 6.20 -7.59 2.70
N ILE A 557 5.35 -6.77 2.08
CA ILE A 557 5.83 -5.74 1.15
C ILE A 557 6.64 -4.67 1.86
N ASN A 558 6.23 -4.33 3.09
CA ASN A 558 6.98 -3.35 3.88
C ASN A 558 8.36 -3.83 4.26
N GLY A 559 8.50 -5.11 4.60
CA GLY A 559 9.82 -5.60 4.94
C GLY A 559 10.71 -5.65 3.71
N LEU A 560 10.10 -5.98 2.58
CA LEU A 560 10.82 -5.90 1.31
C LEU A 560 11.19 -4.46 0.95
N ALA A 561 10.34 -3.48 1.24
CA ALA A 561 10.72 -2.06 1.01
C ALA A 561 11.94 -1.63 1.85
N ARG A 562 11.99 -2.06 3.11
CA ARG A 562 13.15 -1.75 3.97
C ARG A 562 14.43 -2.38 3.45
N LEU A 563 14.26 -3.51 2.79
CA LEU A 563 15.41 -4.21 2.23
C LEU A 563 15.92 -3.58 0.92
N SER A 564 15.01 -3.23 0.01
CA SER A 564 15.38 -2.93 -1.38
C SER A 564 14.86 -1.60 -1.94
N LEU A 565 13.90 -0.98 -1.28
CA LEU A 565 13.28 0.20 -1.89
C LEU A 565 13.65 1.54 -1.25
N VAL A 566 13.68 1.53 0.06
CA VAL A 566 13.73 2.74 0.84
C VAL A 566 15.07 2.76 1.68
N ASN A 567 15.93 1.79 1.40
CA ASN A 567 17.26 1.65 2.01
C ASN A 567 18.30 2.55 1.37
N ASP A 568 19.44 2.68 2.05
CA ASP A 568 20.59 3.40 1.54
C ASP A 568 21.05 2.82 0.19
N GLY A 569 20.95 3.65 -0.84
CA GLY A 569 21.34 3.27 -2.18
C GLY A 569 20.32 2.43 -2.93
N GLY A 570 19.12 2.26 -2.40
CA GLY A 570 18.12 1.44 -3.06
C GLY A 570 17.35 2.21 -4.10
N VAL A 571 16.25 1.65 -4.63
CA VAL A 571 15.68 2.26 -5.85
C VAL A 571 15.15 3.68 -5.69
N ILE A 572 14.54 4.03 -4.55
CA ILE A 572 13.99 5.36 -4.33
C ILE A 572 15.06 6.46 -4.22
N GLU A 573 16.16 6.14 -3.54
CA GLU A 573 17.28 7.06 -3.44
C GLU A 573 17.93 7.32 -4.80
N GLN A 574 17.92 6.33 -5.69
CA GLN A 574 18.59 6.49 -6.98
C GLN A 574 17.69 7.12 -8.02
N THR A 575 16.39 7.05 -7.80
CA THR A 575 15.44 7.35 -8.84
C THR A 575 14.74 8.70 -8.59
N PHE A 576 14.48 9.01 -7.34
CA PHE A 576 13.65 10.18 -7.05
C PHE A 576 14.40 11.38 -6.52
N LEU A 577 13.78 12.53 -6.74
CA LEU A 577 14.36 13.86 -6.52
C LEU A 577 15.03 14.09 -5.17
N TRP A 578 14.38 13.73 -4.05
CA TRP A 578 14.96 14.00 -2.71
C TRP A 578 16.21 13.17 -2.33
N GLY A 579 16.44 12.12 -3.12
CA GLY A 579 17.72 11.43 -3.10
C GLY A 579 17.94 10.74 -1.79
N ARG A 580 19.10 11.01 -1.21
CA ARG A 580 19.51 10.41 0.03
C ARG A 580 18.73 10.92 1.24
N TYR A 581 18.05 12.07 1.07
CA TYR A 581 17.23 12.63 2.13
C TYR A 581 15.79 12.17 2.09
N SER A 582 15.46 11.24 1.20
CA SER A 582 14.05 10.91 0.93
C SER A 582 13.21 10.48 2.14
N VAL A 583 13.72 9.52 2.89
CA VAL A 583 12.92 8.91 3.94
C VAL A 583 12.82 9.84 5.16
N GLU A 584 13.93 10.50 5.47
CA GLU A 584 14.01 11.59 6.47
C GLU A 584 12.99 12.66 6.23
N MET A 585 12.96 13.14 4.99
CA MET A 585 11.98 14.16 4.58
C MET A 585 10.55 13.69 4.77
N SER A 586 10.29 12.40 4.57
CA SER A 586 8.97 11.87 4.86
C SER A 586 8.64 11.88 6.38
N ALA A 587 9.65 11.73 7.22
CA ALA A 587 9.46 11.90 8.66
C ALA A 587 9.11 13.33 9.10
N VAL A 588 9.77 14.31 8.49
CA VAL A 588 9.43 15.73 8.66
C VAL A 588 7.94 15.96 8.34
N VAL A 589 7.45 15.37 7.26
CA VAL A 589 6.07 15.55 6.84
C VAL A 589 5.11 14.81 7.79
N TYR A 590 5.55 13.67 8.34
CA TYR A 590 4.76 12.95 9.32
C TYR A 590 4.49 13.81 10.55
N LYS A 591 5.33 14.81 10.80
CA LYS A 591 5.05 15.74 11.90
C LYS A 591 3.68 16.41 11.78
N ASP A 592 3.19 16.54 10.55
CA ASP A 592 1.89 17.14 10.33
C ASP A 592 0.75 16.13 10.09
N TRP A 593 1.02 14.84 10.20
CA TRP A 593 0.01 13.81 9.90
C TRP A 593 -1.02 13.72 11.04
N VAL A 594 -2.29 13.84 10.73
CA VAL A 594 -3.30 13.59 11.76
C VAL A 594 -4.24 12.46 11.33
N PHE A 595 -4.43 11.46 12.22
CA PHE A 595 -5.22 10.25 11.93
C PHE A 595 -6.62 10.59 11.41
N THR A 596 -7.31 11.46 12.14
CA THR A 596 -8.69 11.83 11.80
C THR A 596 -8.85 12.68 10.55
N ASP A 597 -7.80 13.34 10.09
CA ASP A 597 -7.86 14.03 8.81
C ASP A 597 -7.64 13.10 7.61
N GLN A 598 -7.35 11.83 7.85
CA GLN A 598 -7.23 10.88 6.77
C GLN A 598 -8.59 10.42 6.23
N ALA A 599 -9.64 10.60 7.03
CA ALA A 599 -11.02 10.33 6.60
C ALA A 599 -11.30 11.16 5.37
N LEU A 600 -11.85 10.57 4.31
CA LEU A 600 -12.02 11.35 3.09
C LEU A 600 -12.82 12.68 3.17
N PRO A 601 -14.01 12.74 3.79
CA PRO A 601 -14.65 14.06 3.93
C PRO A 601 -13.82 15.05 4.80
N ALA A 602 -13.10 14.58 5.84
CA ALA A 602 -12.25 15.49 6.62
C ALA A 602 -11.11 16.04 5.75
N ASP A 603 -10.52 15.18 4.93
CA ASP A 603 -9.46 15.63 4.06
C ASP A 603 -9.93 16.70 3.07
N LEU A 604 -11.07 16.45 2.43
CA LEU A 604 -11.71 17.36 1.47
C LEU A 604 -12.01 18.79 2.03
N ILE A 605 -12.62 18.82 3.23
CA ILE A 605 -12.89 20.05 3.98
C ILE A 605 -11.61 20.80 4.36
N LYS A 606 -10.60 20.07 4.82
CA LYS A 606 -9.35 20.69 5.28
C LYS A 606 -8.62 21.43 4.14
N ARG A 607 -8.71 20.88 2.92
CA ARG A 607 -8.09 21.47 1.75
C ARG A 607 -9.00 22.53 1.11
N GLY A 608 -10.19 22.74 1.68
CA GLY A 608 -11.15 23.68 1.17
C GLY A 608 -11.82 23.27 -0.12
N MET A 609 -11.81 21.98 -0.41
CA MET A 609 -12.33 21.43 -1.65
C MET A 609 -13.79 21.03 -1.51
N ALA A 610 -14.25 21.10 -0.26
CA ALA A 610 -15.63 20.82 0.06
C ALA A 610 -16.08 21.70 1.24
N ILE A 611 -17.36 22.01 1.26
CA ILE A 611 -17.94 22.70 2.40
C ILE A 611 -19.02 21.81 2.96
N GLU A 612 -19.27 21.88 4.25
CA GLU A 612 -20.29 21.01 4.83
C GLU A 612 -21.70 21.46 4.44
N ASP A 613 -22.56 20.52 4.04
CA ASP A 613 -23.88 20.83 3.49
C ASP A 613 -24.82 19.61 3.57
N PRO A 614 -25.73 19.58 4.57
CA PRO A 614 -26.79 18.55 4.70
C PRO A 614 -27.73 18.35 3.49
N SER A 615 -27.88 19.38 2.66
CA SER A 615 -28.59 19.28 1.39
C SER A 615 -28.04 18.21 0.42
N CYS A 616 -26.76 17.87 0.55
CA CYS A 616 -26.06 17.17 -0.51
C CYS A 616 -25.84 15.70 -0.16
N PRO A 617 -25.92 14.83 -1.18
CA PRO A 617 -25.74 13.39 -1.06
C PRO A 617 -24.89 12.81 0.08
N HIS A 618 -23.63 13.22 0.21
CA HIS A 618 -22.82 12.64 1.27
C HIS A 618 -22.57 13.63 2.42
N GLY A 619 -23.43 14.65 2.54
CA GLY A 619 -23.29 15.62 3.61
C GLY A 619 -22.31 16.75 3.35
N ILE A 620 -21.63 16.74 2.20
CA ILE A 620 -20.74 17.83 1.85
C ILE A 620 -21.04 18.33 0.42
N ARG A 621 -20.69 19.59 0.16
CA ARG A 621 -20.77 20.14 -1.18
C ARG A 621 -19.37 20.36 -1.69
N LEU A 622 -19.05 19.83 -2.87
CA LEU A 622 -17.75 20.03 -3.55
C LEU A 622 -17.60 21.39 -4.21
N VAL A 623 -16.42 22.00 -4.14
CA VAL A 623 -16.29 23.27 -4.85
C VAL A 623 -15.96 23.05 -6.32
N ILE A 624 -15.35 21.91 -6.63
CA ILE A 624 -15.22 21.46 -7.99
C ILE A 624 -16.01 20.18 -8.06
N GLU A 625 -17.10 20.22 -8.82
CA GLU A 625 -18.03 19.11 -8.98
C GLU A 625 -17.39 17.95 -9.75
N ASP A 626 -16.67 18.28 -10.81
CA ASP A 626 -16.03 17.25 -11.62
C ASP A 626 -14.60 17.01 -11.12
N TYR A 627 -14.55 16.37 -9.95
CA TYR A 627 -13.32 16.06 -9.29
C TYR A 627 -13.38 14.54 -9.11
N PRO A 628 -12.89 13.79 -10.10
CA PRO A 628 -13.10 12.34 -10.19
C PRO A 628 -12.69 11.51 -8.94
N TYR A 629 -11.50 11.75 -8.39
CA TYR A 629 -11.05 11.11 -7.13
C TYR A 629 -12.06 11.29 -5.98
N THR A 630 -12.52 12.51 -5.82
CA THR A 630 -13.35 12.87 -4.73
C THR A 630 -14.80 12.38 -4.86
N VAL A 631 -15.45 12.57 -6.03
CA VAL A 631 -16.80 12.06 -6.28
C VAL A 631 -16.86 10.55 -6.22
N ASP A 632 -15.87 9.88 -6.83
CA ASP A 632 -15.89 8.43 -6.79
C ASP A 632 -15.52 7.94 -5.39
N GLY A 633 -14.51 8.58 -4.78
CA GLY A 633 -14.06 8.18 -3.44
C GLY A 633 -15.12 8.32 -2.35
N LEU A 634 -15.93 9.38 -2.45
CA LEU A 634 -17.03 9.61 -1.51
C LEU A 634 -18.04 8.43 -1.46
N GLU A 635 -18.34 7.82 -2.61
CA GLU A 635 -19.23 6.64 -2.65
C GLU A 635 -18.64 5.43 -1.96
N ILE A 636 -17.36 5.21 -2.16
CA ILE A 636 -16.70 4.07 -1.54
C ILE A 636 -16.47 4.27 -0.04
N TRP A 637 -16.16 5.51 0.37
CA TRP A 637 -16.01 5.91 1.79
C TRP A 637 -17.34 5.63 2.56
N ASP A 638 -18.42 6.12 1.99
CA ASP A 638 -19.75 5.93 2.54
C ASP A 638 -20.15 4.48 2.63
N ALA A 639 -19.83 3.69 1.59
CA ALA A 639 -20.07 2.26 1.66
C ALA A 639 -19.28 1.61 2.79
N ILE A 640 -18.00 1.95 2.91
CA ILE A 640 -17.13 1.46 4.00
C ILE A 640 -17.69 1.84 5.37
N LYS A 641 -18.03 3.12 5.57
CA LYS A 641 -18.56 3.62 6.83
C LYS A 641 -19.87 2.93 7.28
N THR A 642 -20.79 2.74 6.35
CA THR A 642 -22.08 2.06 6.62
C THR A 642 -21.87 0.61 7.04
N TRP A 643 -20.99 -0.13 6.33
CA TRP A 643 -20.60 -1.49 6.70
C TRP A 643 -20.00 -1.56 8.10
N VAL A 644 -19.02 -0.72 8.41
CA VAL A 644 -18.36 -0.75 9.71
C VAL A 644 -19.36 -0.42 10.82
N HIS A 645 -20.23 0.57 10.59
CA HIS A 645 -21.28 0.90 11.55
C HIS A 645 -22.25 -0.27 11.84
N GLU A 646 -22.85 -0.82 10.79
CA GLU A 646 -23.68 -2.03 10.91
C GLU A 646 -22.95 -3.13 11.68
N TYR A 647 -21.67 -3.33 11.38
CA TYR A 647 -20.95 -4.42 12.01
C TYR A 647 -20.66 -4.16 13.50
N VAL A 648 -20.17 -2.97 13.81
CA VAL A 648 -19.88 -2.60 15.19
C VAL A 648 -21.12 -2.69 16.08
N PHE A 649 -22.24 -2.14 15.58
CA PHE A 649 -23.48 -2.04 16.33
C PHE A 649 -24.21 -3.38 16.44
N LEU A 650 -23.77 -4.38 15.69
CA LEU A 650 -24.18 -5.76 15.95
C LEU A 650 -23.53 -6.33 17.23
N TYR A 651 -22.32 -5.89 17.59
CA TYR A 651 -21.63 -6.52 18.70
C TYR A 651 -21.69 -5.72 20.03
N TYR A 652 -21.67 -4.40 19.94
CA TYR A 652 -21.56 -3.59 21.15
C TYR A 652 -22.92 -3.02 21.57
N LYS A 653 -23.47 -3.54 22.67
CA LYS A 653 -24.82 -3.18 23.14
C LYS A 653 -24.92 -1.73 23.60
N SER A 654 -23.80 -1.12 24.01
CA SER A 654 -23.84 0.26 24.54
C SER A 654 -22.44 0.82 24.48
N ASP A 655 -22.27 2.11 24.74
CA ASP A 655 -20.91 2.69 24.86
C ASP A 655 -20.11 2.08 26.02
N ASP A 656 -20.81 1.68 27.08
CA ASP A 656 -20.24 0.98 28.22
C ASP A 656 -19.62 -0.38 27.89
N THR A 657 -20.20 -1.11 26.93
CA THR A 657 -19.71 -2.43 26.60
C THR A 657 -18.33 -2.33 25.92
N LEU A 658 -18.16 -1.24 25.19
CA LEU A 658 -16.89 -0.88 24.57
C LEU A 658 -15.84 -0.43 25.59
N ARG A 659 -16.26 0.36 26.59
CA ARG A 659 -15.37 0.81 27.68
C ARG A 659 -14.93 -0.38 28.54
N GLU A 660 -15.81 -1.38 28.68
CA GLU A 660 -15.50 -2.61 29.39
C GLU A 660 -14.67 -3.66 28.62
N ASP A 661 -14.45 -3.46 27.32
CA ASP A 661 -13.77 -4.49 26.52
C ASP A 661 -12.26 -4.30 26.70
N PRO A 662 -11.61 -5.23 27.41
CA PRO A 662 -10.19 -5.07 27.75
C PRO A 662 -9.25 -5.30 26.54
N GLU A 663 -9.64 -6.13 25.57
CA GLU A 663 -8.75 -6.41 24.46
C GLU A 663 -8.74 -5.17 23.58
N LEU A 664 -9.93 -4.64 23.27
CA LEU A 664 -10.02 -3.40 22.48
C LEU A 664 -9.32 -2.20 23.12
N GLN A 665 -9.54 -2.01 24.43
CA GLN A 665 -8.93 -0.91 25.16
C GLN A 665 -7.41 -1.00 25.17
N ALA A 666 -6.88 -2.19 25.43
CA ALA A 666 -5.42 -2.40 25.42
C ALA A 666 -4.81 -2.25 24.00
N CYS A 667 -5.58 -2.65 22.99
CA CYS A 667 -5.16 -2.52 21.59
C CYS A 667 -4.93 -1.06 21.26
N TRP A 668 -5.94 -0.22 21.58
CA TRP A 668 -5.93 1.17 21.21
C TRP A 668 -4.92 1.98 22.00
N LYS A 669 -4.79 1.63 23.28
CA LYS A 669 -3.80 2.28 24.12
C LYS A 669 -2.35 2.04 23.61
N GLU A 670 -2.04 0.82 23.22
CA GLU A 670 -0.71 0.51 22.72
C GLU A 670 -0.50 1.09 21.31
N LEU A 671 -1.55 1.10 20.49
CA LEU A 671 -1.48 1.78 19.20
C LEU A 671 -1.02 3.25 19.34
N VAL A 672 -1.64 4.00 20.25
CA VAL A 672 -1.37 5.42 20.46
C VAL A 672 -0.04 5.64 21.17
N GLU A 673 0.19 4.89 22.24
CA GLU A 673 1.31 5.14 23.11
C GLU A 673 2.61 4.55 22.58
N VAL A 674 2.51 3.57 21.68
CA VAL A 674 3.70 2.85 21.20
C VAL A 674 3.78 2.87 19.68
N GLY A 675 2.75 2.39 18.99
CA GLY A 675 2.79 2.19 17.56
C GLY A 675 2.88 3.49 16.79
N HIS A 676 2.19 4.52 17.29
CA HIS A 676 2.27 5.85 16.71
C HIS A 676 2.75 6.71 17.84
N GLY A 677 3.67 6.10 18.60
CA GLY A 677 4.10 6.62 19.89
C GLY A 677 4.76 7.97 19.90
N ASP A 678 5.27 8.47 18.77
CA ASP A 678 5.79 9.83 18.77
C ASP A 678 4.68 10.88 18.76
N LYS A 679 3.45 10.45 18.46
CA LYS A 679 2.30 11.33 18.55
C LYS A 679 1.37 11.02 19.71
N LYS A 680 1.86 10.38 20.75
CA LYS A 680 0.97 9.92 21.83
C LYS A 680 0.23 11.02 22.60
N ASN A 681 0.76 12.24 22.62
CA ASN A 681 0.06 13.29 23.33
C ASN A 681 -0.76 14.24 22.48
N GLU A 682 -1.01 13.89 21.24
CA GLU A 682 -1.84 14.72 20.39
C GLU A 682 -3.30 14.64 20.81
N PRO A 683 -3.98 15.78 20.84
CA PRO A 683 -5.35 15.82 21.38
C PRO A 683 -6.38 15.22 20.43
N TRP A 684 -6.04 14.95 19.16
CA TRP A 684 -7.04 14.54 18.20
C TRP A 684 -7.29 13.03 18.17
N TRP A 685 -6.51 12.24 18.92
CA TRP A 685 -6.73 10.80 18.94
C TRP A 685 -8.08 10.54 19.55
N PRO A 686 -8.90 9.72 18.90
CA PRO A 686 -10.15 9.29 19.51
C PRO A 686 -9.78 8.52 20.76
N LYS A 687 -10.60 8.75 21.78
CA LYS A 687 -10.62 7.88 22.92
C LYS A 687 -11.50 6.74 22.46
N MET A 688 -11.53 5.64 23.12
CA MET A 688 -12.34 4.61 22.51
C MET A 688 -13.40 4.48 23.61
N GLN A 689 -14.17 5.54 23.80
CA GLN A 689 -15.18 5.63 24.88
C GLN A 689 -16.59 5.55 24.35
N THR A 690 -16.69 5.41 23.03
CA THR A 690 -17.97 5.53 22.36
C THR A 690 -17.91 4.69 21.11
N ARG A 691 -19.06 4.10 20.74
CA ARG A 691 -19.15 3.28 19.55
C ARG A 691 -18.89 4.03 18.23
N GLU A 692 -19.35 5.28 18.13
CA GLU A 692 -19.11 6.11 16.94
C GLU A 692 -17.61 6.40 16.71
N GLU A 693 -16.84 6.47 17.80
CA GLU A 693 -15.38 6.60 17.68
C GLU A 693 -14.70 5.31 17.17
N LEU A 694 -15.20 4.14 17.58
CA LEU A 694 -14.69 2.91 17.02
C LEU A 694 -15.05 2.80 15.52
N VAL A 695 -16.27 3.24 15.18
CA VAL A 695 -16.70 3.23 13.78
C VAL A 695 -15.79 4.09 12.92
N GLU A 696 -15.53 5.31 13.36
CA GLU A 696 -14.69 6.22 12.61
C GLU A 696 -13.27 5.73 12.40
N ALA A 697 -12.65 5.20 13.47
CA ALA A 697 -11.26 4.72 13.39
C ALA A 697 -11.13 3.51 12.51
N CYS A 698 -12.11 2.61 12.56
CA CYS A 698 -12.03 1.41 11.76
C CYS A 698 -12.29 1.77 10.30
N ALA A 699 -13.18 2.71 10.05
CA ALA A 699 -13.43 3.18 8.70
C ALA A 699 -12.21 3.90 8.10
N ILE A 700 -11.45 4.65 8.94
CA ILE A 700 -10.21 5.27 8.45
C ILE A 700 -9.11 4.24 8.09
N ILE A 701 -8.97 3.18 8.91
CA ILE A 701 -8.00 2.10 8.65
C ILE A 701 -8.30 1.36 7.35
N ILE A 702 -9.56 0.95 7.20
CA ILE A 702 -10.00 0.26 5.99
C ILE A 702 -9.93 1.14 4.70
N TRP A 703 -10.38 2.39 4.77
CA TRP A 703 -10.20 3.35 3.66
C TRP A 703 -8.73 3.47 3.25
N THR A 704 -7.86 3.57 4.25
CA THR A 704 -6.43 3.75 4.01
C THR A 704 -5.79 2.54 3.28
N ALA A 705 -6.18 1.33 3.71
CA ALA A 705 -5.59 0.08 3.25
C ALA A 705 -6.11 -0.31 1.88
N SER A 706 -7.33 0.10 1.60
CA SER A 706 -8.03 -0.35 0.42
C SER A 706 -8.02 0.77 -0.59
N ALA A 707 -9.04 1.63 -0.56
CA ALA A 707 -9.28 2.63 -1.62
C ALA A 707 -8.23 3.76 -1.80
N LEU A 708 -7.74 4.31 -0.69
CA LEU A 708 -6.73 5.36 -0.70
C LEU A 708 -5.46 4.82 -1.35
N HIS A 709 -5.00 3.66 -0.85
CA HIS A 709 -3.85 3.00 -1.47
C HIS A 709 -4.13 2.64 -2.93
N ALA A 710 -5.30 2.12 -3.27
CA ALA A 710 -5.56 1.84 -4.69
C ALA A 710 -5.45 3.13 -5.55
N ALA A 711 -6.08 4.22 -5.11
CA ALA A 711 -6.15 5.46 -5.91
C ALA A 711 -4.79 6.06 -6.20
N VAL A 712 -3.89 5.84 -5.27
CA VAL A 712 -2.60 6.45 -5.29
C VAL A 712 -1.55 5.50 -5.89
N ASN A 713 -1.91 4.20 -6.02
CA ASN A 713 -0.94 3.17 -6.46
C ASN A 713 -1.12 2.70 -7.90
N PHE A 714 -2.34 2.35 -8.32
CA PHE A 714 -2.50 1.59 -9.56
C PHE A 714 -2.52 2.43 -10.82
N GLY A 715 -2.47 3.75 -10.68
CA GLY A 715 -2.29 4.67 -11.80
C GLY A 715 -0.82 5.02 -12.09
N GLN A 716 0.15 4.45 -11.38
CA GLN A 716 1.58 4.78 -11.60
C GLN A 716 2.13 4.43 -13.00
N TYR A 717 1.95 3.20 -13.47
CA TYR A 717 2.43 2.92 -14.84
C TYR A 717 1.55 3.58 -15.93
N PRO A 718 0.21 3.48 -15.84
CA PRO A 718 -0.64 4.10 -16.85
C PRO A 718 -0.43 5.61 -17.03
N TYR A 719 -0.12 6.36 -15.97
CA TYR A 719 0.20 7.80 -16.11
C TYR A 719 1.68 8.02 -16.27
N GLY A 720 2.47 7.35 -15.44
CA GLY A 720 3.90 7.64 -15.39
C GLY A 720 4.85 6.64 -16.03
N GLY A 721 4.31 5.65 -16.74
CA GLY A 721 5.15 4.78 -17.57
C GLY A 721 5.69 5.47 -18.81
N LEU A 722 5.22 6.69 -19.07
CA LEU A 722 5.90 7.61 -19.99
C LEU A 722 6.67 8.55 -19.05
N ILE A 723 8.01 8.44 -19.01
CA ILE A 723 8.85 9.27 -18.13
C ILE A 723 8.66 10.77 -18.43
N LEU A 724 8.26 11.11 -19.64
CA LEU A 724 8.08 12.47 -20.06
C LEU A 724 6.90 13.13 -19.31
N ASN A 725 5.89 12.33 -18.99
CA ASN A 725 4.70 12.86 -18.32
C ASN A 725 4.90 12.94 -16.82
N ARG A 726 5.61 11.99 -16.23
CA ARG A 726 5.91 12.07 -14.81
C ARG A 726 7.41 11.85 -14.55
N PRO A 727 8.25 12.84 -14.84
CA PRO A 727 9.68 12.71 -14.52
C PRO A 727 9.85 12.68 -13.01
N THR A 728 10.89 11.98 -12.59
CA THR A 728 11.15 11.75 -11.16
C THR A 728 12.30 12.59 -10.61
N LEU A 729 13.12 13.19 -11.47
CA LEU A 729 14.17 14.06 -10.97
C LEU A 729 14.49 15.14 -12.02
N SER A 730 15.13 16.22 -11.60
CA SER A 730 15.68 17.14 -12.59
C SER A 730 17.16 17.37 -12.34
N ARG A 731 17.93 17.68 -13.39
CA ARG A 731 19.37 17.80 -13.25
C ARG A 731 19.93 19.06 -13.88
N ARG A 732 19.06 20.01 -14.22
CA ARG A 732 19.48 21.26 -14.84
C ARG A 732 18.55 22.35 -14.33
N PHE A 733 19.06 23.57 -14.21
CA PHE A 733 18.27 24.74 -13.84
C PHE A 733 17.69 25.26 -15.13
N MET A 734 16.70 26.15 -15.03
CA MET A 734 16.11 26.83 -16.20
C MET A 734 17.17 27.58 -17.02
N PRO A 735 17.24 27.33 -18.33
CA PRO A 735 18.13 28.06 -19.23
C PRO A 735 17.88 29.55 -19.13
N GLU A 736 18.97 30.28 -18.95
CA GLU A 736 18.93 31.71 -18.70
C GLU A 736 18.91 32.45 -20.05
N LYS A 737 18.07 33.47 -20.11
CA LYS A 737 17.58 34.17 -21.31
C LYS A 737 18.47 34.42 -22.54
N GLY A 738 19.78 34.61 -22.37
CA GLY A 738 20.62 34.74 -23.56
C GLY A 738 21.84 33.85 -23.55
N SER A 739 21.65 32.55 -23.44
CA SER A 739 22.80 31.64 -23.32
C SER A 739 22.81 30.43 -24.26
N ALA A 740 23.83 29.58 -24.10
CA ALA A 740 24.00 28.40 -24.96
C ALA A 740 22.92 27.32 -24.73
N GLU A 741 22.40 27.28 -23.51
CA GLU A 741 21.36 26.30 -23.18
C GLU A 741 20.03 26.84 -23.66
N TYR A 742 19.92 28.18 -23.70
CA TYR A 742 18.72 28.84 -24.22
C TYR A 742 18.65 28.69 -25.72
N GLU A 743 19.80 28.70 -26.38
CA GLU A 743 19.90 28.59 -27.82
C GLU A 743 19.65 27.15 -28.24
N GLU A 744 20.01 26.22 -27.35
CA GLU A 744 19.67 24.82 -27.55
C GLU A 744 18.16 24.59 -27.36
N LEU A 745 17.55 25.33 -26.43
CA LEU A 745 16.09 25.27 -26.21
C LEU A 745 15.33 25.77 -27.45
N ARG A 746 15.93 26.75 -28.13
CA ARG A 746 15.41 27.30 -29.38
C ARG A 746 15.53 26.28 -30.51
N LYS A 747 16.69 25.64 -30.61
CA LYS A 747 16.98 24.79 -31.77
C LYS A 747 16.55 23.32 -31.61
N ASN A 748 16.68 22.79 -30.40
CA ASN A 748 16.31 21.40 -30.12
C ASN A 748 15.69 21.29 -28.72
N PRO A 749 14.44 21.75 -28.55
CA PRO A 749 13.81 21.75 -27.22
C PRO A 749 13.55 20.36 -26.65
N GLN A 750 13.41 19.36 -27.53
CA GLN A 750 13.22 17.98 -27.10
C GLN A 750 14.43 17.49 -26.33
N LYS A 751 15.64 17.71 -26.88
CA LYS A 751 16.88 17.30 -26.22
C LYS A 751 17.10 18.09 -24.93
N ALA A 752 16.73 19.37 -24.96
CA ALA A 752 16.77 20.21 -23.76
C ALA A 752 15.84 19.72 -22.65
N TYR A 753 14.64 19.30 -23.02
CA TYR A 753 13.73 18.69 -22.07
C TYR A 753 14.35 17.40 -21.50
N LEU A 754 14.83 16.57 -22.40
CA LEU A 754 15.41 15.28 -22.05
C LEU A 754 16.63 15.38 -21.12
N LYS A 755 17.50 16.40 -21.31
CA LYS A 755 18.62 16.54 -20.39
C LYS A 755 18.26 17.19 -19.05
N THR A 756 17.05 17.73 -18.94
CA THR A 756 16.59 18.26 -17.68
C THR A 756 16.03 17.14 -16.80
N ILE A 757 15.35 16.17 -17.38
CA ILE A 757 14.65 15.17 -16.58
C ILE A 757 15.52 13.91 -16.31
N THR A 758 14.92 12.91 -15.67
CA THR A 758 15.53 11.61 -15.37
C THR A 758 16.32 11.03 -16.54
N PRO A 759 17.59 10.64 -16.34
CA PRO A 759 18.39 9.99 -17.38
C PRO A 759 17.84 8.62 -17.80
N LYS A 760 18.31 8.14 -18.95
CA LYS A 760 17.89 6.87 -19.52
C LYS A 760 18.07 5.71 -18.59
N PHE A 761 19.22 5.56 -17.93
CA PHE A 761 19.39 4.44 -16.99
C PHE A 761 18.34 4.38 -15.89
N GLN A 762 18.11 5.51 -15.20
CA GLN A 762 17.17 5.53 -14.08
C GLN A 762 15.71 5.53 -14.55
N THR A 763 15.49 5.96 -15.80
CA THR A 763 14.21 5.77 -16.47
C THR A 763 13.87 4.30 -16.56
N LEU A 764 14.87 3.47 -16.91
CA LEU A 764 14.68 2.02 -17.08
C LEU A 764 14.42 1.32 -15.76
N ILE A 765 15.07 1.78 -14.70
CA ILE A 765 14.79 1.30 -13.35
C ILE A 765 13.36 1.65 -12.89
N ASP A 766 13.04 2.93 -12.95
CA ASP A 766 11.74 3.44 -12.56
C ASP A 766 10.59 2.67 -13.22
N LEU A 767 10.68 2.53 -14.54
CA LEU A 767 9.66 1.84 -15.32
C LEU A 767 9.49 0.39 -14.91
N SER A 768 10.61 -0.29 -14.69
CA SER A 768 10.60 -1.68 -14.27
C SER A 768 9.91 -1.85 -12.92
N VAL A 769 10.18 -0.94 -12.01
CA VAL A 769 9.57 -0.97 -10.68
C VAL A 769 8.06 -0.61 -10.66
N ILE A 770 7.70 0.48 -11.32
CA ILE A 770 6.28 0.89 -11.29
C ILE A 770 5.38 0.03 -12.18
N GLU A 771 5.95 -0.74 -13.10
CA GLU A 771 5.15 -1.70 -13.84
C GLU A 771 4.72 -2.89 -12.98
N ILE A 772 5.64 -3.42 -12.17
CA ILE A 772 5.30 -4.45 -11.17
C ILE A 772 4.30 -3.90 -10.12
N LEU A 773 4.55 -2.70 -9.63
CA LEU A 773 3.74 -2.06 -8.59
C LEU A 773 2.31 -1.76 -9.02
N SER A 774 2.09 -1.61 -10.33
CA SER A 774 0.78 -1.26 -10.87
C SER A 774 -0.03 -2.48 -11.33
N ARG A 775 0.43 -3.65 -10.93
CA ARG A 775 -0.15 -4.90 -11.38
C ARG A 775 -1.00 -5.52 -10.28
N HIS A 776 -2.13 -6.08 -10.66
CA HIS A 776 -2.84 -6.94 -9.75
C HIS A 776 -2.39 -8.36 -10.02
N ALA A 777 -2.03 -9.05 -8.95
CA ALA A 777 -1.83 -10.50 -8.94
C ALA A 777 -3.14 -11.20 -9.27
N SER A 778 -3.05 -12.43 -9.78
CA SER A 778 -4.23 -13.28 -10.09
C SER A 778 -5.09 -13.59 -8.89
N ASP A 779 -4.45 -13.76 -7.75
CA ASP A 779 -5.18 -14.14 -6.56
C ASP A 779 -5.41 -12.97 -5.61
N GLU A 780 -5.36 -11.74 -6.15
CA GLU A 780 -5.85 -10.54 -5.44
C GLU A 780 -7.27 -10.73 -4.88
N VAL A 781 -7.46 -10.24 -3.66
CA VAL A 781 -8.74 -10.27 -2.97
C VAL A 781 -9.25 -8.82 -2.86
N TYR A 782 -10.32 -8.52 -3.58
CA TYR A 782 -10.80 -7.17 -3.72
C TYR A 782 -11.77 -6.77 -2.61
N LEU A 783 -11.96 -5.46 -2.51
CA LEU A 783 -12.88 -4.91 -1.59
C LEU A 783 -14.25 -5.48 -1.82
N GLY A 784 -14.76 -6.02 -0.75
CA GLY A 784 -16.16 -6.00 -0.65
C GLY A 784 -16.87 -7.24 -0.42
N GLU A 785 -16.75 -8.12 -1.37
CA GLU A 785 -17.58 -9.24 -1.34
C GLU A 785 -16.57 -10.18 -0.84
N ARG A 786 -15.31 -9.76 -0.99
CA ARG A 786 -14.37 -10.82 -0.94
C ARG A 786 -13.74 -10.86 0.35
N ASP A 787 -13.79 -12.08 0.88
CA ASP A 787 -12.97 -12.55 1.97
C ASP A 787 -12.38 -13.84 1.43
N ASN A 788 -11.38 -14.33 2.16
CA ASN A 788 -10.86 -15.70 2.11
C ASN A 788 -11.85 -16.92 2.03
N PRO A 789 -12.51 -17.44 3.10
CA PRO A 789 -13.81 -18.13 2.96
C PRO A 789 -14.82 -17.73 4.06
N ASN A 790 -15.51 -18.69 4.75
CA ASN A 790 -16.38 -18.46 5.98
C ASN A 790 -15.87 -18.30 7.46
N TRP A 791 -15.62 -17.03 7.64
CA TRP A 791 -14.78 -16.45 8.59
C TRP A 791 -15.54 -16.25 9.91
N THR A 792 -16.86 -16.33 9.88
CA THR A 792 -17.65 -16.32 11.08
C THR A 792 -18.90 -17.20 10.94
N SER A 793 -19.44 -17.62 12.07
CA SER A 793 -20.70 -18.35 12.03
C SER A 793 -21.92 -17.45 12.39
N ASP A 794 -21.65 -16.18 12.61
CA ASP A 794 -22.68 -15.17 12.89
C ASP A 794 -23.36 -14.78 11.58
N THR A 795 -24.58 -15.26 11.37
CA THR A 795 -25.27 -15.02 10.12
C THR A 795 -25.71 -13.55 9.97
N ARG A 796 -25.86 -12.82 11.07
CA ARG A 796 -26.14 -11.39 10.95
C ARG A 796 -24.94 -10.63 10.33
N ALA A 797 -23.70 -11.04 10.65
CA ALA A 797 -22.51 -10.41 10.10
C ALA A 797 -22.35 -10.79 8.61
N LEU A 798 -22.70 -12.03 8.27
CA LEU A 798 -22.57 -12.57 6.91
C LEU A 798 -23.50 -11.84 5.98
N GLU A 799 -24.71 -11.56 6.48
CA GLU A 799 -25.73 -10.82 5.75
C GLU A 799 -25.35 -9.38 5.56
N ALA A 800 -24.78 -8.79 6.61
CA ALA A 800 -24.38 -7.41 6.53
C ALA A 800 -23.21 -7.23 5.54
N PHE A 801 -22.30 -8.22 5.54
CA PHE A 801 -21.20 -8.30 4.56
C PHE A 801 -21.69 -8.49 3.12
N LYS A 802 -22.76 -9.24 2.94
CA LYS A 802 -23.35 -9.37 1.61
C LYS A 802 -23.96 -8.07 1.10
N ARG A 803 -24.58 -7.31 2.01
CA ARG A 803 -25.12 -5.97 1.74
C ARG A 803 -24.00 -5.00 1.31
N PHE A 804 -22.82 -5.18 1.86
CA PHE A 804 -21.67 -4.35 1.57
C PHE A 804 -21.28 -4.66 0.11
N GLY A 805 -21.14 -5.95 -0.23
CA GLY A 805 -20.74 -6.34 -1.57
C GLY A 805 -21.73 -5.90 -2.64
N ASN A 806 -23.01 -6.02 -2.31
CA ASN A 806 -24.09 -5.51 -3.15
C ASN A 806 -24.07 -4.02 -3.37
N LYS A 807 -23.74 -3.25 -2.34
CA LYS A 807 -23.57 -1.81 -2.47
C LYS A 807 -22.40 -1.47 -3.43
N LEU A 808 -21.33 -2.26 -3.35
CA LEU A 808 -20.13 -2.02 -4.13
C LEU A 808 -20.36 -2.31 -5.62
N ALA A 809 -21.06 -3.41 -5.92
CA ALA A 809 -21.49 -3.70 -7.31
C ALA A 809 -22.45 -2.67 -7.89
N GLN A 810 -23.28 -2.09 -7.04
CA GLN A 810 -24.14 -0.99 -7.43
C GLN A 810 -23.27 0.25 -7.74
N ILE A 811 -22.26 0.50 -6.91
CA ILE A 811 -21.38 1.66 -7.08
C ILE A 811 -20.52 1.51 -8.35
N GLU A 812 -20.03 0.30 -8.61
CA GLU A 812 -19.29 0.01 -9.83
C GLU A 812 -20.05 0.47 -11.11
N ASN A 813 -21.33 0.11 -11.20
CA ASN A 813 -22.16 0.58 -12.28
C ASN A 813 -22.35 2.09 -12.36
N LYS A 814 -22.57 2.75 -11.23
CA LYS A 814 -22.75 4.19 -11.21
C LYS A 814 -21.47 4.91 -11.67
N LEU A 815 -20.34 4.36 -11.28
CA LEU A 815 -19.07 4.97 -11.64
C LEU A 815 -18.82 4.81 -13.13
N SER A 816 -19.16 3.65 -13.67
CA SER A 816 -18.98 3.42 -15.10
C SER A 816 -19.85 4.30 -15.98
N GLU A 817 -21.07 4.59 -15.52
CA GLU A 817 -21.96 5.45 -16.28
C GLU A 817 -21.53 6.93 -16.26
N ARG A 818 -20.88 7.36 -15.18
CA ARG A 818 -20.19 8.67 -15.08
C ARG A 818 -19.08 8.78 -16.11
N ASN A 819 -18.32 7.70 -16.33
CA ASN A 819 -17.28 7.70 -17.36
C ASN A 819 -17.84 7.88 -18.78
N ASN A 820 -19.10 7.51 -19.01
CA ASN A 820 -19.76 7.75 -20.29
C ASN A 820 -20.52 9.08 -20.39
N ASP A 821 -20.38 9.94 -19.37
CA ASP A 821 -21.11 11.21 -19.34
C ASP A 821 -20.22 12.23 -20.00
N GLU A 822 -20.67 12.73 -21.14
CA GLU A 822 -19.93 13.68 -21.96
C GLU A 822 -19.75 15.05 -21.31
N LYS A 823 -20.57 15.34 -20.30
CA LYS A 823 -20.46 16.61 -19.58
C LYS A 823 -19.28 16.56 -18.62
N LEU A 824 -18.93 15.38 -18.12
CA LEU A 824 -17.85 15.30 -17.15
C LEU A 824 -16.47 15.10 -17.79
N ARG A 825 -15.85 16.16 -18.27
CA ARG A 825 -14.63 15.89 -19.02
C ARG A 825 -13.26 15.77 -18.35
N ASN A 826 -13.21 16.09 -17.04
CA ASN A 826 -12.04 15.79 -16.21
C ASN A 826 -11.89 14.29 -15.93
N ARG A 827 -12.89 13.51 -16.31
CA ARG A 827 -12.89 12.06 -16.08
C ARG A 827 -12.05 11.33 -17.12
N CYS A 828 -11.90 11.96 -18.30
CA CYS A 828 -11.20 11.42 -19.48
C CYS A 828 -10.02 12.31 -19.97
N GLY A 829 -10.26 13.59 -20.19
CA GLY A 829 -9.22 14.48 -20.66
C GLY A 829 -8.91 14.38 -22.16
N PRO A 830 -7.94 15.15 -22.66
CA PRO A 830 -7.56 15.07 -24.09
C PRO A 830 -6.79 13.77 -24.37
N VAL A 831 -6.47 13.08 -23.29
CA VAL A 831 -5.68 11.87 -23.24
C VAL A 831 -6.62 10.62 -23.33
N GLN A 832 -7.93 10.89 -23.24
CA GLN A 832 -9.03 9.93 -23.41
C GLN A 832 -8.79 8.69 -22.56
N MET A 833 -8.60 8.94 -21.26
CA MET A 833 -8.33 7.96 -20.24
C MET A 833 -9.41 7.99 -19.15
N PRO A 834 -10.53 7.27 -19.37
CA PRO A 834 -11.62 7.17 -18.39
C PRO A 834 -11.15 6.73 -17.02
N TYR A 835 -11.52 7.54 -16.01
CA TYR A 835 -11.08 7.32 -14.64
C TYR A 835 -11.75 6.12 -14.02
N THR A 836 -11.02 5.01 -13.91
CA THR A 836 -11.59 3.74 -13.42
C THR A 836 -10.87 3.25 -12.19
N LEU A 837 -9.91 4.02 -11.71
CA LEU A 837 -9.11 3.68 -10.52
C LEU A 837 -9.92 3.25 -9.27
N LEU A 838 -11.19 3.67 -9.17
CA LEU A 838 -11.96 3.42 -7.97
C LEU A 838 -13.12 2.43 -8.21
N LEU A 839 -13.09 1.78 -9.38
CA LEU A 839 -13.95 0.64 -9.66
C LEU A 839 -13.43 -0.51 -8.80
N PRO A 840 -14.27 -1.09 -7.97
CA PRO A 840 -13.82 -2.07 -6.96
C PRO A 840 -13.23 -3.35 -7.51
N SER A 841 -13.79 -3.91 -8.60
CA SER A 841 -13.30 -5.15 -9.20
C SER A 841 -12.31 -4.98 -10.33
N SER A 842 -11.55 -6.04 -10.58
CA SER A 842 -10.60 -6.10 -11.67
C SER A 842 -10.23 -7.54 -12.00
N LYS A 843 -9.78 -7.75 -13.23
CA LYS A 843 -9.06 -9.00 -13.50
C LYS A 843 -7.59 -8.68 -13.27
N GLU A 844 -6.70 -9.65 -13.48
CA GLU A 844 -5.29 -9.42 -13.15
C GLU A 844 -4.58 -8.53 -14.16
N GLY A 845 -3.42 -8.03 -13.76
CA GLY A 845 -2.55 -7.35 -14.70
C GLY A 845 -2.52 -5.86 -14.52
N LEU A 846 -2.15 -5.16 -15.59
CA LEU A 846 -1.98 -3.71 -15.59
C LEU A 846 -3.30 -3.08 -16.01
N THR A 847 -4.27 -3.09 -15.11
CA THR A 847 -5.60 -2.70 -15.48
C THR A 847 -5.65 -1.34 -14.90
N PHE A 848 -6.58 -0.49 -15.19
CA PHE A 848 -6.23 0.78 -14.49
C PHE A 848 -7.38 0.93 -13.45
N ARG A 849 -7.58 -0.14 -12.69
CA ARG A 849 -8.74 -0.29 -11.81
C ARG A 849 -8.61 -1.37 -10.76
N GLY A 850 -9.61 -1.45 -9.87
CA GLY A 850 -9.63 -2.53 -8.89
C GLY A 850 -9.11 -2.07 -7.53
N ILE A 851 -9.88 -2.33 -6.49
CA ILE A 851 -9.55 -1.91 -5.13
C ILE A 851 -9.32 -3.12 -4.23
N PRO A 852 -8.07 -3.50 -3.99
CA PRO A 852 -7.79 -4.65 -3.12
C PRO A 852 -8.22 -4.35 -1.68
N ASN A 853 -8.47 -5.38 -0.88
CA ASN A 853 -8.71 -5.16 0.53
C ASN A 853 -7.59 -4.47 1.30
N SER A 854 -6.34 -4.72 0.90
CA SER A 854 -5.18 -4.42 1.72
C SER A 854 -4.08 -3.78 0.89
N ILE A 855 -3.04 -3.29 1.55
CA ILE A 855 -1.84 -2.85 0.87
C ILE A 855 -1.06 -4.14 0.53
N SER A 856 -1.18 -4.61 -0.71
CA SER A 856 -0.67 -5.93 -1.10
C SER A 856 0.53 -5.91 -2.02
N ILE A 857 0.86 -4.71 -2.48
CA ILE A 857 2.00 -4.46 -3.34
C ILE A 857 2.38 -2.98 -3.19
FE FE B . 1.91 0.13 -2.41
C1 4NC C . 6.42 -0.58 -2.84
C2 4NC C . 6.45 -0.28 -1.48
C3 4NC C . 6.78 0.98 -1.09
C4 4NC C . 7.13 1.93 -2.03
C5 4NC C . 7.16 1.64 -3.38
C6 4NC C . 6.79 0.38 -3.75
O7 4NC C . 6.15 -1.83 -3.23
O8 4NC C . 6.14 -1.22 -0.56
N9 4NC C . 7.44 3.24 -1.54
O10 4NC C . 8.40 3.32 -0.80
O11 4NC C . 6.69 4.17 -1.80
#